data_8JLA
#
_entry.id   8JLA
#
_cell.length_a   1.00
_cell.length_b   1.00
_cell.length_c   1.00
_cell.angle_alpha   90.00
_cell.angle_beta   90.00
_cell.angle_gamma   90.00
#
_symmetry.space_group_name_H-M   'P 1'
#
loop_
_entity.id
_entity.type
_entity.pdbx_description
1 polymer 'Histone H3.1'
2 polymer 'Histone H4'
3 polymer 'Histone H2A type 1-B/E'
4 polymer 'Histone H2B type 1-J'
5 polymer 'DNA (193-MER)'
6 polymer 'DNA (193-MER)'
#
loop_
_entity_poly.entity_id
_entity_poly.type
_entity_poly.pdbx_seq_one_letter_code
_entity_poly.pdbx_strand_id
1 'polypeptide(L)'
;GSHMSAPATGGVKKPHRYRPGTVALREIRRYQKSTELLIRKLPFQRLVREIAQDFKTDLRFQSSAVMALQEACEAYLVGL
FEDTNLCAIHAKRVTIMPKDIQLARRIRGERA
;
A,E
2 'polypeptide(L)'
;GSHMKRHRKVLRDNIQGITKPAIRRLARRGGVKRISGLIYEETRGVLKVFLENVIRDAVTYTEHAKRKTVTAMDVVYALK
RQGRTLYGFGG
;
B,F
3 'polypeptide(L)'
;GSHMARAKAKTRSSRAGLQFPVGRVHRLLRKGNYSERVGAGAPVYLAAVLEYLTAEILELAGNAARDNKKTRIIPRHLQL
AIRNDEELNKLLGRVTIAQGGVLPNIQAVLLPKKTESHHKAKGK
;
C,G
4 'polypeptide(L)'
;GSHMDGKKRKRSRKESYSIYVYKVLKQVHPDTGISSKAMGIMNSFVNDIFERIAGEASRLAHYNKRSTITSREIQTAVRL
LLPGELAKHAVSEGTKAVTKYTSAK
;
D,H
5 'polydeoxyribonucleotide'
;(DA)(DT)(DC)(DA)(DC)(DG)(DT)(DA)(DA)(DT)(DA)(DT)(DT)(DG)(DG)(DC)(DC)(DA)(DG)(DC)
(DT)(DA)(DG)(DG)(DA)(DT)(DC)(DA)(DC)(DA)(DA)(DT)(DC)(DC)(DC)(DG)(DG)(DT)(DG)(DC)
(DC)(DG)(DA)(DG)(DG)(DC)(DC)(DG)(DC)(DT)(DC)(DA)(DA)(DT)(DT)(DG)(DG)(DT)(DC)(DG)
(DT)(DA)(DG)(DA)(DC)(DA)(DG)(DC)(DT)(DC)(DT)(DA)(DG)(DC)(DA)(DC)(DC)(DG)(DC)(DT)
(DT)(DA)(DA)(DA)(DC)(DG)(DC)(DA)(DC)(DG)(DT)(DA)(DC)(DG)(DG)(DA)(DA)(DT)(DC)(DC)
(DG)(DT)(DA)(DC)(DG)(DT)(DG)(DC)(DG)(DT)(DT)(DT)(DA)(DA)(DG)(DC)(DG)(DG)(DT)(DG)
(DC)(DT)(DA)(DG)(DA)(DG)(DC)(DT)(DG)(DT)(DC)(DT)(DA)(DC)(DG)(DA)(DC)(DC)(DA)(DA)
(DT)(DT)(DG)(DA)(DG)(DC)(DG)(DG)(DC)(DC)(DT)(DC)(DG)(DG)(DC)(DA)(DC)(DC)(DG)(DG)
(DG)(DA)(DT)(DT)(DG)(DT)(DG)(DA)(DT)(DC)(DC)(DT)(DA)(DG)(DC)(DT)(DG)(DG)(DC)(DC)
(DA)(DA)(DT)(DA)(DT)(DT)(DA)(DC)(DG)(DT)(DG)(DA)(DT)
;
I
6 'polydeoxyribonucleotide'
;(DA)(DT)(DC)(DA)(DC)(DG)(DT)(DA)(DA)(DT)(DA)(DT)(DT)(DG)(DG)(DC)(DC)(DA)(DG)(DC)
(DT)(DA)(DG)(DG)(DA)(DT)(DC)(DA)(DC)(DA)(DA)(DT)(DC)(DC)(DC)(DG)(DG)(DT)(DG)(DC)
(DC)(DG)(DA)(DG)(DG)(DC)(DC)(DG)(DC)(DT)(DC)(DA)(DA)(DT)(DT)(DG)(DG)(DT)(DC)(DG)
(DT)(DA)(DG)(DA)(DC)(DA)(DG)(DC)(DT)(DC)(DT)(DA)(DG)(DC)(DA)(DC)(DC)(DG)(DC)(DT)
(DT)(DA)(DA)(DA)(DC)(DG)(DC)(DA)(DC)(DG)(DT)(DA)(DC)(DG)(DG)(DA)(DT)(DT)(DC)(DC)
(DG)(DT)(DA)(DC)(DG)(DT)(DG)(DC)(DG)(DT)(DT)(DT)(DA)(DA)(DG)(DC)(DG)(DG)(DT)(DG)
(DC)(DT)(DA)(DG)(DA)(DG)(DC)(DT)(DG)(DT)(DC)(DT)(DA)(DC)(DG)(DA)(DC)(DC)(DA)(DA)
(DT)(DT)(DG)(DA)(DG)(DC)(DG)(DG)(DC)(DC)(DT)(DC)(DG)(DG)(DC)(DA)(DC)(DC)(DG)(DG)
(DG)(DA)(DT)(DT)(DG)(DT)(DG)(DA)(DT)(DC)(DC)(DT)(DA)(DG)(DC)(DT)(DG)(DG)(DC)(DC)
(DA)(DA)(DT)(DA)(DT)(DT)(DA)(DC)(DG)(DT)(DG)(DA)(DT)
;
J
#
# COMPACT_ATOMS: atom_id res chain seq x y z
N PRO A 15 45.36 3.68 30.31
CA PRO A 15 45.36 2.75 31.43
C PRO A 15 44.03 2.01 31.58
N HIS A 16 42.94 2.69 31.24
CA HIS A 16 41.60 2.14 31.34
C HIS A 16 41.13 1.81 29.92
N ARG A 17 40.64 0.58 29.71
CA ARG A 17 40.09 0.19 28.43
C ARG A 17 38.77 -0.53 28.61
N TYR A 18 37.71 0.06 28.07
CA TYR A 18 36.39 -0.58 28.12
C TYR A 18 36.37 -1.83 27.25
N ARG A 19 35.71 -2.87 27.74
CA ARG A 19 35.63 -4.12 26.98
C ARG A 19 34.80 -3.91 25.72
N PRO A 20 35.16 -4.55 24.62
CA PRO A 20 34.35 -4.47 23.40
C PRO A 20 32.87 -4.70 23.68
N GLY A 21 32.04 -3.77 23.24
CA GLY A 21 30.60 -3.84 23.43
C GLY A 21 30.02 -2.76 24.33
N THR A 22 30.76 -2.35 25.35
CA THR A 22 30.24 -1.34 26.28
C THR A 22 29.98 -0.02 25.57
N VAL A 23 30.96 0.45 24.81
CA VAL A 23 30.80 1.74 24.13
C VAL A 23 29.74 1.60 23.05
N ALA A 24 29.65 0.44 22.41
CA ALA A 24 28.62 0.22 21.41
C ALA A 24 27.24 0.39 22.02
N LEU A 25 27.01 -0.22 23.19
CA LEU A 25 25.72 -0.10 23.85
C LEU A 25 25.46 1.33 24.30
N ARG A 26 26.50 2.03 24.77
CA ARG A 26 26.31 3.42 25.16
C ARG A 26 25.90 4.26 23.96
N GLU A 27 26.51 3.98 22.80
CA GLU A 27 26.17 4.71 21.59
C GLU A 27 24.75 4.40 21.16
N ILE A 28 24.36 3.13 21.24
CA ILE A 28 22.98 2.75 20.93
C ILE A 28 22.03 3.59 21.77
N ARG A 29 22.22 3.58 23.09
CA ARG A 29 21.33 4.34 23.98
C ARG A 29 21.30 5.81 23.60
N ARG A 30 22.48 6.41 23.34
CA ARG A 30 22.53 7.84 23.07
C ARG A 30 21.79 8.18 21.79
N TYR A 31 22.02 7.43 20.71
CA TYR A 31 21.40 7.79 19.45
C TYR A 31 19.93 7.41 19.43
N GLN A 32 19.52 6.41 20.22
CA GLN A 32 18.11 6.08 20.30
C GLN A 32 17.36 7.07 21.17
N LYS A 33 18.08 7.86 21.98
CA LYS A 33 17.43 8.86 22.81
C LYS A 33 17.34 10.21 22.11
N SER A 34 18.28 10.53 21.24
CA SER A 34 18.30 11.80 20.54
C SER A 34 17.51 11.70 19.24
N THR A 35 17.21 12.86 18.64
CA THR A 35 16.43 12.91 17.42
C THR A 35 17.08 13.66 16.27
N GLU A 36 18.23 14.32 16.42
CA GLU A 36 18.80 15.07 15.28
C GLU A 36 19.21 14.14 14.14
N LEU A 37 19.35 14.69 12.94
CA LEU A 37 19.81 13.94 11.78
C LEU A 37 21.29 13.58 11.95
N LEU A 38 21.64 12.35 11.57
CA LEU A 38 22.94 11.74 11.78
C LEU A 38 23.84 11.79 10.56
N ILE A 39 23.32 11.98 9.35
CA ILE A 39 24.12 12.14 8.13
C ILE A 39 24.51 13.62 7.98
N ARG A 40 25.76 13.92 7.62
CA ARG A 40 26.20 15.28 7.35
C ARG A 40 25.37 15.90 6.23
N LYS A 41 24.97 17.17 6.43
CA LYS A 41 24.06 17.82 5.49
C LYS A 41 24.70 18.02 4.13
N LEU A 42 25.83 18.70 4.10
CA LEU A 42 26.41 19.04 2.78
C LEU A 42 26.65 17.75 1.99
N PRO A 43 27.41 16.72 2.43
CA PRO A 43 27.58 15.52 1.59
C PRO A 43 26.25 15.02 1.00
N PHE A 44 25.21 14.92 1.83
CA PHE A 44 23.92 14.43 1.38
C PHE A 44 23.36 15.32 0.28
N GLN A 45 23.45 16.64 0.47
CA GLN A 45 22.98 17.57 -0.56
C GLN A 45 23.70 17.32 -1.87
N ARG A 46 25.03 17.16 -1.80
CA ARG A 46 25.80 16.91 -3.02
C ARG A 46 25.33 15.63 -3.70
N LEU A 47 25.10 14.58 -2.92
CA LEU A 47 24.63 13.32 -3.48
C LEU A 47 23.29 13.51 -4.18
N VAL A 48 22.35 14.18 -3.50
CA VAL A 48 21.04 14.44 -4.09
C VAL A 48 21.20 15.15 -5.42
N ARG A 49 22.02 16.19 -5.46
CA ARG A 49 22.17 16.95 -6.69
C ARG A 49 22.78 16.10 -7.80
N GLU A 50 23.78 15.29 -7.46
CA GLU A 50 24.43 14.38 -8.40
C GLU A 50 23.41 13.42 -9.00
N ILE A 51 22.52 12.88 -8.18
CA ILE A 51 21.53 11.90 -8.63
C ILE A 51 20.51 12.58 -9.53
N ALA A 52 20.05 13.77 -9.14
CA ALA A 52 19.02 14.46 -9.90
C ALA A 52 19.54 14.86 -11.27
N GLN A 53 20.86 15.05 -11.39
CA GLN A 53 21.47 15.49 -12.64
C GLN A 53 21.14 14.56 -13.80
N ASP A 54 20.97 13.26 -13.52
CA ASP A 54 20.72 12.32 -14.61
C ASP A 54 19.32 12.48 -15.21
N PHE A 55 18.41 13.14 -14.50
CA PHE A 55 17.04 13.33 -14.97
C PHE A 55 16.83 14.68 -15.64
N LYS A 56 17.32 15.77 -15.05
CA LYS A 56 17.28 17.07 -15.71
C LYS A 56 18.43 17.93 -15.23
N THR A 57 18.98 18.71 -16.14
CA THR A 57 20.13 19.55 -15.88
C THR A 57 19.64 20.88 -15.29
N ASP A 58 20.56 21.63 -14.70
CA ASP A 58 20.27 22.94 -14.11
C ASP A 58 19.03 22.90 -13.22
N LEU A 59 18.98 21.89 -12.36
CA LEU A 59 17.86 21.69 -11.44
C LEU A 59 18.15 22.41 -10.13
N ARG A 60 17.21 23.23 -9.66
CA ARG A 60 17.32 23.89 -8.36
C ARG A 60 16.53 23.15 -7.31
N PHE A 61 16.91 23.29 -6.05
CA PHE A 61 16.31 22.53 -4.96
C PHE A 61 16.00 23.44 -3.78
N GLN A 62 14.76 23.39 -3.30
CA GLN A 62 14.43 24.09 -2.07
C GLN A 62 15.14 23.45 -0.90
N SER A 63 15.57 24.26 0.07
CA SER A 63 16.21 23.72 1.27
C SER A 63 15.32 22.67 1.93
N SER A 64 14.01 22.94 2.00
CA SER A 64 13.10 22.00 2.64
C SER A 64 13.01 20.70 1.86
N ALA A 65 13.17 20.76 0.54
CA ALA A 65 13.16 19.53 -0.26
C ALA A 65 14.30 18.62 0.17
N VAL A 66 15.51 19.18 0.30
CA VAL A 66 16.66 18.39 0.71
C VAL A 66 16.44 17.86 2.12
N MET A 67 15.90 18.68 3.02
CA MET A 67 15.65 18.23 4.39
C MET A 67 14.64 17.09 4.41
N ALA A 68 13.58 17.17 3.61
CA ALA A 68 12.60 16.09 3.54
C ALA A 68 13.24 14.81 3.03
N LEU A 69 14.05 14.93 1.97
CA LEU A 69 14.73 13.77 1.43
C LEU A 69 15.60 13.13 2.50
N GLN A 70 16.34 13.94 3.25
CA GLN A 70 17.22 13.40 4.26
C GLN A 70 16.43 12.71 5.38
N GLU A 71 15.35 13.30 5.85
CA GLU A 71 14.45 12.69 6.82
C GLU A 71 13.93 11.34 6.34
N ALA A 72 13.48 11.24 5.09
CA ALA A 72 12.93 10.00 4.58
C ALA A 72 14.02 8.94 4.46
N CYS A 73 15.17 9.31 3.90
CA CYS A 73 16.25 8.34 3.70
C CYS A 73 16.72 7.79 5.04
N GLU A 74 16.93 8.67 6.02
CA GLU A 74 17.41 8.22 7.32
C GLU A 74 16.39 7.29 7.97
N ALA A 75 15.10 7.66 7.96
CA ALA A 75 14.09 6.80 8.54
C ALA A 75 14.09 5.43 7.87
N TYR A 76 14.13 5.41 6.54
CA TYR A 76 14.14 4.15 5.80
C TYR A 76 15.33 3.30 6.21
N LEU A 77 16.51 3.91 6.28
CA LEU A 77 17.72 3.16 6.59
C LEU A 77 17.67 2.62 8.01
N VAL A 78 17.19 3.42 8.96
CA VAL A 78 17.04 2.95 10.33
C VAL A 78 16.13 1.73 10.38
N GLY A 79 14.97 1.81 9.72
CA GLY A 79 14.07 0.67 9.67
C GLY A 79 14.74 -0.56 9.09
N LEU A 80 15.53 -0.35 8.02
CA LEU A 80 16.20 -1.48 7.39
C LEU A 80 17.22 -2.09 8.33
N PHE A 81 17.99 -1.26 9.03
CA PHE A 81 18.96 -1.79 9.98
C PHE A 81 18.28 -2.54 11.11
N GLU A 82 17.09 -2.09 11.53
CA GLU A 82 16.34 -2.81 12.55
C GLU A 82 15.98 -4.21 12.06
N ASP A 83 15.45 -4.29 10.84
CA ASP A 83 15.06 -5.59 10.31
C ASP A 83 16.28 -6.47 10.11
N THR A 84 17.38 -5.88 9.63
CA THR A 84 18.63 -6.62 9.46
C THR A 84 19.09 -7.20 10.78
N ASN A 85 19.02 -6.40 11.85
CA ASN A 85 19.39 -6.89 13.17
C ASN A 85 18.55 -8.09 13.55
N LEU A 86 17.23 -7.98 13.36
CA LEU A 86 16.36 -9.12 13.68
C LEU A 86 16.78 -10.35 12.91
N CYS A 87 17.10 -10.19 11.63
CA CYS A 87 17.54 -11.32 10.80
C CYS A 87 18.82 -11.95 11.36
N ALA A 88 19.80 -11.11 11.72
CA ALA A 88 21.07 -11.62 12.25
C ALA A 88 20.87 -12.49 13.49
N ILE A 89 20.10 -12.00 14.46
CA ILE A 89 19.87 -12.74 15.70
C ILE A 89 19.27 -14.11 15.40
N HIS A 90 18.39 -14.19 14.41
CA HIS A 90 17.77 -15.47 14.06
C HIS A 90 18.82 -16.53 13.74
N ALA A 91 19.93 -16.14 13.13
CA ALA A 91 21.00 -17.07 12.82
C ALA A 91 22.00 -17.24 13.96
N LYS A 92 21.59 -16.93 15.19
CA LYS A 92 22.43 -17.10 16.38
C LYS A 92 23.70 -16.26 16.29
N ARG A 93 23.62 -15.14 15.56
CA ARG A 93 24.73 -14.22 15.40
C ARG A 93 24.38 -12.86 15.98
N VAL A 94 25.41 -12.09 16.31
CA VAL A 94 25.21 -10.70 16.72
C VAL A 94 25.77 -9.70 15.72
N THR A 95 26.42 -10.16 14.65
CA THR A 95 27.00 -9.26 13.66
C THR A 95 26.21 -9.31 12.36
N ILE A 96 25.82 -8.14 11.86
CA ILE A 96 25.14 -8.03 10.58
C ILE A 96 26.12 -8.02 9.42
N MET A 97 25.78 -8.72 8.35
CA MET A 97 26.55 -8.80 7.11
C MET A 97 25.60 -8.54 5.94
N PRO A 98 26.14 -8.24 4.75
CA PRO A 98 25.27 -8.01 3.58
C PRO A 98 24.20 -9.06 3.34
N LYS A 99 24.46 -10.34 3.62
CA LYS A 99 23.42 -11.34 3.39
C LYS A 99 22.17 -11.03 4.21
N ASP A 100 22.34 -10.44 5.39
CA ASP A 100 21.19 -10.08 6.21
C ASP A 100 20.38 -8.98 5.55
N ILE A 101 21.05 -7.93 5.06
CA ILE A 101 20.34 -6.87 4.33
C ILE A 101 19.59 -7.45 3.14
N GLN A 102 20.26 -8.32 2.37
CA GLN A 102 19.62 -8.88 1.19
C GLN A 102 18.37 -9.65 1.59
N LEU A 103 18.46 -10.49 2.62
CA LEU A 103 17.29 -11.24 3.06
C LEU A 103 16.17 -10.29 3.46
N ALA A 104 16.48 -9.32 4.33
CA ALA A 104 15.47 -8.36 4.77
C ALA A 104 14.77 -7.72 3.58
N ARG A 105 15.54 -7.23 2.62
CA ARG A 105 14.97 -6.55 1.46
C ARG A 105 14.12 -7.52 0.64
N ARG A 106 14.61 -8.73 0.42
CA ARG A 106 13.85 -9.72 -0.33
C ARG A 106 12.49 -9.95 0.31
N ILE A 107 12.47 -10.16 1.62
CA ILE A 107 11.22 -10.43 2.31
C ILE A 107 10.31 -9.20 2.23
N ARG A 108 10.89 -8.01 2.31
CA ARG A 108 10.10 -6.78 2.25
C ARG A 108 9.48 -6.56 0.88
N GLY A 109 9.97 -7.26 -0.14
CA GLY A 109 9.47 -7.11 -1.49
C GLY A 109 10.27 -6.18 -2.37
N GLU A 110 11.27 -5.50 -1.83
CA GLU A 110 12.06 -4.54 -2.61
C GLU A 110 12.81 -5.23 -3.74
N ASN B 14 30.27 11.56 -5.47
CA ASN B 14 29.80 12.01 -4.13
C ASN B 14 29.23 10.94 -3.19
N ILE B 15 28.99 9.68 -3.60
CA ILE B 15 28.40 8.63 -2.78
C ILE B 15 29.35 8.27 -1.64
N GLN B 16 30.65 8.50 -1.83
CA GLN B 16 31.61 8.22 -0.79
C GLN B 16 31.49 9.21 0.37
N GLY B 17 30.82 10.34 0.15
CA GLY B 17 30.57 11.29 1.20
C GLY B 17 29.76 10.72 2.35
N ILE B 18 28.97 9.68 2.09
CA ILE B 18 28.28 8.97 3.16
C ILE B 18 29.34 8.08 3.79
N THR B 19 30.04 8.63 4.77
CA THR B 19 31.20 7.93 5.33
C THR B 19 30.76 6.76 6.20
N LYS B 20 31.74 5.92 6.52
CA LYS B 20 31.48 4.78 7.40
C LYS B 20 30.95 5.20 8.76
N PRO B 21 31.54 6.18 9.47
CA PRO B 21 30.95 6.62 10.75
C PRO B 21 29.48 6.97 10.67
N ALA B 22 29.03 7.64 9.60
CA ALA B 22 27.61 7.96 9.46
C ALA B 22 26.77 6.69 9.42
N ILE B 23 27.15 5.74 8.58
CA ILE B 23 26.43 4.47 8.51
C ILE B 23 26.41 3.79 9.87
N ARG B 24 27.54 3.83 10.60
CA ARG B 24 27.64 3.25 11.95
C ARG B 24 26.61 3.92 12.84
N ARG B 25 26.52 5.24 12.83
CA ARG B 25 25.55 5.94 13.66
C ARG B 25 24.13 5.49 13.32
N LEU B 26 23.82 5.42 12.03
CA LEU B 26 22.48 4.97 11.62
C LEU B 26 22.20 3.57 12.16
N ALA B 27 23.19 2.68 12.08
CA ALA B 27 23.02 1.33 12.61
C ALA B 27 22.79 1.37 14.11
N ARG B 28 23.52 2.23 14.82
CA ARG B 28 23.38 2.38 16.28
C ARG B 28 21.98 2.82 16.63
N ARG B 29 21.38 3.73 15.89
CA ARG B 29 19.99 4.11 16.17
C ARG B 29 19.05 2.93 16.00
N GLY B 30 19.35 2.01 15.09
CA GLY B 30 18.55 0.83 14.91
C GLY B 30 18.78 -0.25 15.92
N GLY B 31 19.66 -0.02 16.88
CA GLY B 31 19.92 -0.98 17.94
C GLY B 31 20.88 -2.07 17.54
N VAL B 32 21.70 -1.82 16.53
CA VAL B 32 22.66 -2.79 16.03
C VAL B 32 23.96 -2.63 16.81
N LYS B 33 24.53 -3.75 17.27
CA LYS B 33 25.72 -3.73 18.11
C LYS B 33 27.03 -3.96 17.36
N ARG B 34 27.07 -4.87 16.39
CA ARG B 34 28.31 -5.21 15.68
C ARG B 34 28.13 -5.07 14.19
N ILE B 35 29.17 -4.60 13.49
CA ILE B 35 29.09 -4.29 12.06
C ILE B 35 30.22 -4.98 11.31
N SER B 36 29.85 -5.68 10.24
CA SER B 36 30.82 -6.29 9.35
C SER B 36 31.45 -5.22 8.47
N GLY B 37 32.65 -5.51 7.97
CA GLY B 37 33.31 -4.50 7.14
C GLY B 37 32.65 -4.31 5.79
N LEU B 38 31.88 -5.27 5.33
CA LEU B 38 31.22 -5.24 4.02
C LEU B 38 29.85 -4.58 4.03
N ILE B 39 29.37 -4.18 5.20
CA ILE B 39 28.03 -3.61 5.31
C ILE B 39 27.96 -2.24 4.64
N TYR B 40 29.04 -1.46 4.75
CA TYR B 40 29.03 -0.08 4.28
C TYR B 40 28.70 0.02 2.79
N GLU B 41 29.34 -0.77 1.93
CA GLU B 41 29.10 -0.75 0.49
C GLU B 41 27.68 -1.19 0.16
N GLU B 42 27.16 -2.21 0.83
CA GLU B 42 25.80 -2.66 0.60
C GLU B 42 24.82 -1.55 0.94
N THR B 43 25.01 -0.91 2.10
CA THR B 43 24.13 0.17 2.52
C THR B 43 24.18 1.31 1.52
N ARG B 44 25.38 1.70 1.09
CA ARG B 44 25.48 2.77 0.09
C ARG B 44 24.67 2.43 -1.15
N GLY B 45 24.79 1.20 -1.65
CA GLY B 45 24.02 0.81 -2.83
C GLY B 45 22.52 0.90 -2.60
N VAL B 46 22.06 0.39 -1.45
CA VAL B 46 20.63 0.43 -1.14
C VAL B 46 20.14 1.87 -1.10
N LEU B 47 20.88 2.73 -0.41
CA LEU B 47 20.50 4.13 -0.31
C LEU B 47 20.43 4.76 -1.69
N LYS B 48 21.42 4.46 -2.54
CA LYS B 48 21.43 5.00 -3.90
C LYS B 48 20.15 4.62 -4.63
N VAL B 49 19.79 3.34 -4.58
CA VAL B 49 18.58 2.87 -5.27
C VAL B 49 17.35 3.63 -4.77
N PHE B 50 17.18 3.67 -3.44
CA PHE B 50 16.04 4.38 -2.85
C PHE B 50 15.98 5.81 -3.34
N LEU B 51 17.09 6.55 -3.22
CA LEU B 51 17.15 7.95 -3.62
C LEU B 51 16.83 8.09 -5.10
N GLU B 52 17.35 7.23 -5.96
CA GLU B 52 17.03 7.29 -7.37
C GLU B 52 15.52 7.22 -7.58
N ASN B 53 14.86 6.25 -6.94
CA ASN B 53 13.41 6.11 -7.09
C ASN B 53 12.69 7.39 -6.69
N VAL B 54 13.01 7.90 -5.51
CA VAL B 54 12.31 9.08 -4.99
C VAL B 54 12.53 10.27 -5.91
N ILE B 55 13.78 10.53 -6.30
CA ILE B 55 14.09 11.69 -7.11
C ILE B 55 13.40 11.55 -8.47
N ARG B 56 13.36 10.36 -9.07
CA ARG B 56 12.62 10.14 -10.31
C ARG B 56 11.15 10.56 -10.16
N ASP B 57 10.47 10.19 -9.09
CA ASP B 57 9.08 10.63 -8.94
C ASP B 57 8.99 12.13 -8.70
N ALA B 58 9.87 12.68 -7.87
CA ALA B 58 9.84 14.10 -7.57
C ALA B 58 10.06 14.94 -8.82
N VAL B 59 11.02 14.53 -9.66
CA VAL B 59 11.29 15.26 -10.89
C VAL B 59 10.10 15.15 -11.85
N THR B 60 9.48 13.97 -11.92
CA THR B 60 8.27 13.86 -12.74
C THR B 60 7.21 14.85 -12.29
N TYR B 61 6.98 14.93 -10.98
CA TYR B 61 6.01 15.89 -10.45
C TYR B 61 6.40 17.31 -10.83
N THR B 62 7.69 17.64 -10.70
CA THR B 62 8.18 18.96 -11.07
C THR B 62 7.86 19.26 -12.53
N GLU B 63 8.18 18.33 -13.42
CA GLU B 63 7.95 18.49 -14.85
C GLU B 63 6.48 18.72 -15.13
N HIS B 64 5.57 18.04 -14.44
CA HIS B 64 4.14 18.25 -14.70
C HIS B 64 3.70 19.67 -14.33
N ALA B 65 4.27 20.23 -13.26
CA ALA B 65 3.93 21.58 -12.85
C ALA B 65 4.64 22.66 -13.65
N LYS B 66 5.46 22.26 -14.63
CA LYS B 66 6.22 23.20 -15.46
C LYS B 66 7.16 24.06 -14.62
N ARG B 67 7.56 23.58 -13.44
CA ARG B 67 8.54 24.23 -12.55
C ARG B 67 9.95 23.88 -13.01
N LYS B 68 10.95 24.62 -12.53
CA LYS B 68 12.34 24.25 -12.67
C LYS B 68 13.04 24.01 -11.35
N THR B 69 12.37 24.26 -10.22
CA THR B 69 12.91 24.00 -8.88
C THR B 69 12.09 22.93 -8.19
N VAL B 70 12.72 21.86 -7.72
CA VAL B 70 12.03 20.85 -6.94
C VAL B 70 11.68 21.42 -5.57
N THR B 71 10.40 21.37 -5.24
CA THR B 71 9.85 21.85 -3.98
C THR B 71 9.75 20.73 -2.98
N ALA B 72 9.57 21.08 -1.72
CA ALA B 72 9.34 20.07 -0.69
C ALA B 72 8.06 19.28 -0.98
N MET B 73 7.04 19.94 -1.52
CA MET B 73 5.79 19.25 -1.81
C MET B 73 6.00 18.09 -2.78
N ASP B 74 6.79 18.30 -3.83
CA ASP B 74 7.07 17.26 -4.82
C ASP B 74 7.67 16.02 -4.15
N VAL B 75 8.58 16.19 -3.21
CA VAL B 75 9.18 15.09 -2.47
C VAL B 75 8.14 14.41 -1.60
N VAL B 76 7.38 15.20 -0.84
CA VAL B 76 6.36 14.63 0.03
C VAL B 76 5.39 13.76 -0.76
N TYR B 77 4.90 14.29 -1.90
CA TYR B 77 3.97 13.53 -2.73
C TYR B 77 4.60 12.25 -3.22
N ALA B 78 5.85 12.34 -3.71
CA ALA B 78 6.54 11.15 -4.22
C ALA B 78 6.61 10.08 -3.14
N LEU B 79 6.98 10.49 -1.93
CA LEU B 79 7.05 9.53 -0.83
C LEU B 79 5.68 8.92 -0.57
N LYS B 80 4.63 9.76 -0.57
CA LYS B 80 3.29 9.27 -0.28
C LYS B 80 2.89 8.18 -1.28
N ARG B 81 3.13 8.42 -2.58
CA ARG B 81 2.68 7.47 -3.58
C ARG B 81 3.51 6.19 -3.56
N GLN B 82 4.70 6.23 -2.98
CA GLN B 82 5.54 5.06 -2.81
C GLN B 82 5.30 4.38 -1.48
N GLY B 83 4.22 4.74 -0.80
CA GLY B 83 3.86 4.14 0.47
C GLY B 83 4.78 4.51 1.61
N ARG B 84 5.43 5.68 1.53
CA ARG B 84 6.30 6.16 2.58
C ARG B 84 5.89 7.57 3.00
N THR B 85 4.62 7.74 3.34
CA THR B 85 4.06 9.04 3.68
C THR B 85 4.84 9.75 4.78
N LEU B 86 5.24 11.00 4.52
CA LEU B 86 6.04 11.80 5.43
C LEU B 86 5.20 12.92 6.01
N TYR B 87 5.20 13.04 7.33
CA TYR B 87 4.52 14.11 8.05
C TYR B 87 5.53 15.18 8.46
N GLY B 88 5.11 16.44 8.39
CA GLY B 88 5.92 17.54 8.87
C GLY B 88 6.35 18.55 7.84
N PHE B 89 6.10 18.32 6.55
CA PHE B 89 6.57 19.21 5.50
C PHE B 89 5.42 19.70 4.62
N GLY B 90 4.26 19.93 5.22
CA GLY B 90 3.13 20.44 4.49
C GLY B 90 2.20 19.40 3.92
N GLY B 91 2.06 18.25 4.56
CA GLY B 91 1.24 17.18 4.06
C GLY B 91 1.91 15.83 4.09
N ARG C 6 -27.11 14.39 -42.10
CA ARG C 6 -25.81 14.47 -41.43
C ARG C 6 -24.83 13.47 -42.02
N ALA C 7 -23.61 13.48 -41.49
CA ALA C 7 -22.55 12.61 -41.97
C ALA C 7 -22.66 11.23 -41.33
N LYS C 8 -22.22 10.18 -42.04
CA LYS C 8 -22.27 8.80 -41.52
C LYS C 8 -21.42 8.71 -40.26
N ALA C 9 -22.00 8.20 -39.18
CA ALA C 9 -21.36 8.19 -37.86
C ALA C 9 -20.03 7.42 -37.88
N LYS C 10 -18.96 8.08 -37.47
CA LYS C 10 -17.62 7.53 -37.36
C LYS C 10 -17.23 7.50 -35.88
N THR C 11 -16.94 6.30 -35.39
CA THR C 11 -16.61 6.15 -33.97
C THR C 11 -15.29 6.84 -33.67
N ARG C 12 -15.18 7.35 -32.43
CA ARG C 12 -13.93 7.98 -32.03
C ARG C 12 -12.79 6.97 -32.00
N SER C 13 -13.10 5.71 -31.71
CA SER C 13 -12.08 4.66 -31.72
C SER C 13 -11.47 4.53 -33.12
N SER C 14 -12.33 4.49 -34.14
CA SER C 14 -11.86 4.35 -35.52
C SER C 14 -11.04 5.55 -35.96
N ARG C 15 -11.39 6.75 -35.49
CA ARG C 15 -10.61 7.94 -35.85
C ARG C 15 -9.19 7.84 -35.32
N ALA C 16 -9.00 7.22 -34.15
CA ALA C 16 -7.70 7.09 -33.52
C ALA C 16 -7.00 5.79 -33.90
N GLY C 17 -7.63 4.94 -34.69
CA GLY C 17 -7.04 3.65 -35.04
C GLY C 17 -6.85 2.72 -33.87
N LEU C 18 -7.85 2.63 -33.00
CA LEU C 18 -7.77 1.83 -31.77
C LEU C 18 -8.90 0.81 -31.75
N GLN C 19 -8.69 -0.26 -31.01
CA GLN C 19 -9.73 -1.26 -30.81
C GLN C 19 -10.54 -1.03 -29.55
N PHE C 20 -9.97 -0.36 -28.55
CA PHE C 20 -10.64 -0.09 -27.30
C PHE C 20 -11.67 1.02 -27.48
N PRO C 21 -12.77 0.99 -26.71
CA PRO C 21 -13.86 1.95 -26.91
C PRO C 21 -13.55 3.30 -26.27
N VAL C 22 -13.28 4.29 -27.12
CA VAL C 22 -12.99 5.62 -26.60
C VAL C 22 -14.22 6.22 -25.94
N GLY C 23 -15.38 6.09 -26.59
CA GLY C 23 -16.61 6.64 -26.03
C GLY C 23 -16.92 6.09 -24.65
N ARG C 24 -16.74 4.78 -24.45
CA ARG C 24 -16.97 4.12 -23.16
C ARG C 24 -15.99 4.60 -22.11
N VAL C 25 -14.71 4.71 -22.46
CA VAL C 25 -13.69 5.29 -21.58
C VAL C 25 -14.05 6.71 -21.17
N HIS C 26 -14.56 7.53 -22.09
CA HIS C 26 -14.99 8.89 -21.79
C HIS C 26 -16.16 8.90 -20.81
N ARG C 27 -17.17 8.08 -21.08
CA ARG C 27 -18.32 8.02 -20.20
C ARG C 27 -17.91 7.60 -18.80
N LEU C 28 -17.04 6.60 -18.71
CA LEU C 28 -16.60 6.12 -17.40
C LEU C 28 -15.85 7.21 -16.65
N LEU C 29 -15.10 8.04 -17.39
CA LEU C 29 -14.40 9.15 -16.76
C LEU C 29 -15.40 10.18 -16.23
N ARG C 30 -16.41 10.53 -17.03
CA ARG C 30 -17.34 11.56 -16.57
C ARG C 30 -18.13 11.10 -15.36
N LYS C 31 -18.43 9.80 -15.26
CA LYS C 31 -19.29 9.29 -14.20
C LYS C 31 -18.52 8.63 -13.08
N GLY C 32 -17.20 8.77 -13.06
CA GLY C 32 -16.39 8.12 -12.04
C GLY C 32 -15.96 9.03 -10.92
N ASN C 33 -16.47 10.27 -10.87
CA ASN C 33 -16.18 11.29 -9.86
C ASN C 33 -14.68 11.52 -9.69
N TYR C 34 -13.98 11.76 -10.80
CA TYR C 34 -12.55 12.06 -10.76
C TYR C 34 -12.25 13.54 -10.86
N SER C 35 -12.91 14.25 -11.76
CA SER C 35 -12.69 15.68 -11.89
C SER C 35 -13.95 16.34 -12.43
N GLU C 36 -13.93 17.67 -12.45
CA GLU C 36 -15.06 18.41 -12.99
C GLU C 36 -15.14 18.30 -14.51
N ARG C 37 -14.00 18.42 -15.19
CA ARG C 37 -13.98 18.41 -16.64
C ARG C 37 -12.99 17.36 -17.12
N VAL C 38 -13.22 16.86 -18.34
CA VAL C 38 -12.35 15.87 -18.96
C VAL C 38 -11.99 16.35 -20.36
N GLY C 39 -10.68 16.46 -20.63
CA GLY C 39 -10.24 16.89 -21.94
C GLY C 39 -10.62 15.90 -23.03
N ALA C 40 -10.60 16.38 -24.27
CA ALA C 40 -10.99 15.53 -25.39
C ALA C 40 -9.95 14.45 -25.67
N GLY C 41 -8.67 14.73 -25.39
CA GLY C 41 -7.61 13.78 -25.67
C GLY C 41 -7.42 12.72 -24.61
N ALA C 42 -7.88 12.98 -23.39
CA ALA C 42 -7.67 12.05 -22.28
C ALA C 42 -8.24 10.67 -22.55
N PRO C 43 -9.51 10.49 -22.93
CA PRO C 43 -9.99 9.14 -23.22
C PRO C 43 -9.20 8.44 -24.31
N VAL C 44 -8.82 9.16 -25.37
CA VAL C 44 -8.03 8.55 -26.43
C VAL C 44 -6.71 8.03 -25.89
N TYR C 45 -5.99 8.87 -25.15
CA TYR C 45 -4.71 8.46 -24.59
C TYR C 45 -4.87 7.25 -23.68
N LEU C 46 -5.84 7.32 -22.76
CA LEU C 46 -6.03 6.22 -21.81
C LEU C 46 -6.34 4.92 -22.54
N ALA C 47 -7.26 4.99 -23.52
CA ALA C 47 -7.62 3.79 -24.28
C ALA C 47 -6.41 3.21 -24.97
N ALA C 48 -5.57 4.08 -25.58
CA ALA C 48 -4.40 3.58 -26.27
C ALA C 48 -3.45 2.88 -25.31
N VAL C 49 -3.27 3.45 -24.12
CA VAL C 49 -2.36 2.84 -23.14
C VAL C 49 -2.89 1.47 -22.72
N LEU C 50 -4.19 1.42 -22.37
CA LEU C 50 -4.80 0.15 -22.00
C LEU C 50 -4.62 -0.88 -23.10
N GLU C 51 -4.87 -0.49 -24.34
CA GLU C 51 -4.73 -1.40 -25.47
C GLU C 51 -3.31 -1.94 -25.56
N TYR C 52 -2.31 -1.05 -25.45
CA TYR C 52 -0.93 -1.51 -25.54
C TYR C 52 -0.63 -2.55 -24.46
N LEU C 53 -1.04 -2.25 -23.21
CA LEU C 53 -0.75 -3.19 -22.13
C LEU C 53 -1.43 -4.53 -22.37
N THR C 54 -2.70 -4.49 -22.79
CA THR C 54 -3.43 -5.72 -23.08
C THR C 54 -2.74 -6.50 -24.18
N ALA C 55 -2.36 -5.83 -25.26
CA ALA C 55 -1.65 -6.51 -26.35
C ALA C 55 -0.40 -7.20 -25.83
N GLU C 56 0.41 -6.48 -25.04
CA GLU C 56 1.64 -7.06 -24.51
C GLU C 56 1.35 -8.33 -23.71
N ILE C 57 0.46 -8.22 -22.70
CA ILE C 57 0.18 -9.38 -21.86
C ILE C 57 -0.34 -10.54 -22.70
N LEU C 58 -1.29 -10.27 -23.59
CA LEU C 58 -1.87 -11.33 -24.41
C LEU C 58 -0.81 -12.00 -25.27
N GLU C 59 0.07 -11.22 -25.87
CA GLU C 59 1.16 -11.73 -26.69
C GLU C 59 2.02 -12.69 -25.86
N LEU C 60 2.41 -12.29 -24.65
CA LEU C 60 3.26 -13.15 -23.83
C LEU C 60 2.50 -14.41 -23.41
N ALA C 61 1.20 -14.29 -23.15
CA ALA C 61 0.43 -15.45 -22.74
C ALA C 61 0.25 -16.43 -23.89
N GLY C 62 0.00 -15.90 -25.09
CA GLY C 62 -0.10 -16.75 -26.26
C GLY C 62 1.20 -17.47 -26.53
N ASN C 63 2.32 -16.76 -26.35
CA ASN C 63 3.62 -17.39 -26.51
C ASN C 63 3.79 -18.54 -25.53
N ALA C 64 3.44 -18.30 -24.27
CA ALA C 64 3.53 -19.37 -23.27
C ALA C 64 2.64 -20.55 -23.63
N ALA C 65 1.43 -20.27 -24.12
CA ALA C 65 0.51 -21.32 -24.54
C ALA C 65 1.12 -22.16 -25.66
N ARG C 66 1.67 -21.51 -26.68
CA ARG C 66 2.25 -22.24 -27.80
C ARG C 66 3.39 -23.15 -27.33
N ASP C 67 4.20 -22.66 -26.39
CA ASP C 67 5.27 -23.49 -25.85
C ASP C 67 4.72 -24.71 -25.12
N ASN C 68 3.53 -24.63 -24.55
CA ASN C 68 2.84 -25.74 -23.90
C ASN C 68 2.02 -26.59 -24.90
N LYS C 69 2.11 -26.28 -26.20
CA LYS C 69 1.34 -27.01 -27.27
C LYS C 69 -0.18 -26.85 -27.06
N LYS C 70 -0.62 -25.75 -26.45
CA LYS C 70 -2.03 -25.44 -26.24
C LYS C 70 -2.47 -24.33 -27.18
N THR C 71 -3.76 -24.33 -27.53
CA THR C 71 -4.33 -23.34 -28.41
C THR C 71 -5.25 -22.36 -27.69
N ARG C 72 -5.51 -22.55 -26.41
CA ARG C 72 -6.36 -21.65 -25.64
C ARG C 72 -5.59 -21.13 -24.43
N ILE C 73 -5.71 -19.83 -24.18
CA ILE C 73 -5.06 -19.23 -23.02
C ILE C 73 -5.86 -19.54 -21.76
N ILE C 74 -5.22 -19.98 -20.71
CA ILE C 74 -5.86 -20.25 -19.43
C ILE C 74 -5.11 -19.46 -18.36
N PRO C 75 -5.68 -19.24 -17.17
CA PRO C 75 -4.99 -18.47 -16.12
C PRO C 75 -3.55 -18.87 -15.88
N ARG C 76 -3.22 -20.15 -16.01
CA ARG C 76 -1.84 -20.60 -15.85
C ARG C 76 -0.91 -19.83 -16.78
N HIS C 77 -1.27 -19.71 -18.05
CA HIS C 77 -0.43 -19.03 -19.04
C HIS C 77 -0.29 -17.57 -18.70
N LEU C 78 -1.33 -16.95 -18.13
CA LEU C 78 -1.22 -15.56 -17.70
C LEU C 78 -0.24 -15.44 -16.55
N GLN C 79 -0.34 -16.35 -15.57
CA GLN C 79 0.60 -16.32 -14.43
C GLN C 79 2.02 -16.44 -14.96
N LEU C 80 2.27 -17.44 -15.81
CA LEU C 80 3.61 -17.65 -16.35
C LEU C 80 4.12 -16.38 -17.03
N ALA C 81 3.30 -15.78 -17.88
CA ALA C 81 3.71 -14.57 -18.60
C ALA C 81 4.02 -13.44 -17.65
N ILE C 82 3.19 -13.21 -16.64
CA ILE C 82 3.35 -12.10 -15.71
C ILE C 82 4.58 -12.32 -14.84
N ARG C 83 4.72 -13.47 -14.19
CA ARG C 83 5.82 -13.68 -13.25
C ARG C 83 7.17 -13.85 -13.92
N ASN C 84 7.22 -14.12 -15.22
CA ASN C 84 8.49 -14.29 -15.90
C ASN C 84 9.03 -13.00 -16.49
N ASP C 85 8.32 -11.89 -16.34
CA ASP C 85 8.78 -10.60 -16.84
C ASP C 85 8.95 -9.67 -15.64
N GLU C 86 10.20 -9.25 -15.41
CA GLU C 86 10.52 -8.43 -14.26
C GLU C 86 9.64 -7.19 -14.20
N GLU C 87 9.46 -6.53 -15.34
CA GLU C 87 8.72 -5.27 -15.37
C GLU C 87 7.24 -5.50 -15.09
N LEU C 88 6.65 -6.49 -15.76
CA LEU C 88 5.25 -6.81 -15.53
C LEU C 88 5.04 -7.29 -14.11
N ASN C 89 5.99 -8.08 -13.59
CA ASN C 89 5.89 -8.55 -12.21
C ASN C 89 5.88 -7.36 -11.25
N LYS C 90 6.75 -6.39 -11.49
CA LYS C 90 6.79 -5.20 -10.65
C LYS C 90 5.47 -4.46 -10.70
N LEU C 91 4.94 -4.25 -11.91
CA LEU C 91 3.65 -3.55 -12.04
C LEU C 91 2.55 -4.27 -11.26
N LEU C 92 2.49 -5.59 -11.40
CA LEU C 92 1.49 -6.46 -10.78
C LEU C 92 2.04 -7.15 -9.52
N GLY C 93 2.87 -6.47 -8.73
CA GLY C 93 3.49 -7.12 -7.59
C GLY C 93 2.50 -7.59 -6.55
N ARG C 94 1.58 -6.71 -6.14
CA ARG C 94 0.63 -7.06 -5.09
C ARG C 94 -0.68 -7.61 -5.65
N VAL C 95 -0.61 -8.32 -6.78
CA VAL C 95 -1.75 -8.89 -7.48
C VAL C 95 -1.70 -10.39 -7.44
N THR C 96 -2.82 -11.06 -7.16
CA THR C 96 -2.92 -12.50 -7.21
C THR C 96 -3.78 -12.88 -8.40
N ILE C 97 -3.21 -13.62 -9.36
CA ILE C 97 -3.97 -14.16 -10.48
C ILE C 97 -4.66 -15.43 -10.00
N ALA C 98 -5.98 -15.44 -10.04
CA ALA C 98 -6.74 -16.62 -9.63
C ALA C 98 -6.40 -17.82 -10.49
N GLN C 99 -6.25 -18.98 -9.85
CA GLN C 99 -5.92 -20.25 -10.56
C GLN C 99 -4.61 -20.09 -11.36
N GLY C 100 -3.71 -19.22 -10.89
CA GLY C 100 -2.42 -19.05 -11.55
C GLY C 100 -1.36 -20.03 -11.06
N GLY C 101 -1.39 -20.44 -9.78
CA GLY C 101 -0.29 -21.22 -9.24
C GLY C 101 0.94 -20.35 -9.05
N VAL C 102 2.10 -21.02 -8.97
CA VAL C 102 3.36 -20.33 -8.73
C VAL C 102 4.39 -20.77 -9.76
N LEU C 103 5.52 -20.08 -9.77
CA LEU C 103 6.65 -20.43 -10.63
C LEU C 103 7.44 -21.57 -10.02
N PRO C 104 7.81 -22.58 -10.81
CA PRO C 104 8.69 -23.63 -10.29
C PRO C 104 10.02 -23.09 -9.79
N ASN C 105 10.25 -23.15 -8.48
CA ASN C 105 11.48 -22.62 -7.91
C ASN C 105 11.87 -23.45 -6.71
N ILE C 106 13.00 -24.13 -6.78
CA ILE C 106 13.54 -24.91 -5.67
C ILE C 106 14.90 -24.34 -5.30
N GLN C 107 15.09 -24.06 -4.01
CA GLN C 107 16.36 -23.54 -3.53
C GLN C 107 17.49 -24.52 -3.85
N ALA C 108 18.63 -23.99 -4.26
CA ALA C 108 19.75 -24.82 -4.66
C ALA C 108 20.25 -25.70 -3.50
N VAL C 109 20.15 -25.19 -2.28
CA VAL C 109 20.68 -25.94 -1.13
C VAL C 109 19.89 -27.20 -0.85
N LEU C 110 18.66 -27.29 -1.35
CA LEU C 110 17.82 -28.46 -1.08
C LEU C 110 18.08 -29.61 -2.04
N LEU C 111 18.73 -29.34 -3.17
CA LEU C 111 18.96 -30.36 -4.17
C LEU C 111 19.90 -31.43 -3.60
N PRO C 112 19.73 -32.70 -4.00
CA PRO C 112 20.52 -33.82 -3.49
C PRO C 112 22.03 -33.59 -3.53
N SER D 12 -30.87 -7.38 -17.53
CA SER D 12 -29.91 -6.37 -17.09
C SER D 12 -28.56 -6.58 -17.76
N ARG D 13 -28.17 -5.64 -18.62
CA ARG D 13 -26.88 -5.67 -19.30
C ARG D 13 -25.76 -5.34 -18.32
N LYS D 14 -24.57 -5.91 -18.54
CA LYS D 14 -23.36 -5.68 -17.74
C LYS D 14 -22.21 -5.40 -18.69
N GLU D 15 -21.91 -4.14 -18.96
CA GLU D 15 -20.80 -3.76 -19.83
C GLU D 15 -19.47 -4.36 -19.36
N SER D 16 -18.63 -4.77 -20.30
CA SER D 16 -17.32 -5.38 -20.06
C SER D 16 -16.31 -4.93 -21.12
N TYR D 17 -15.07 -5.40 -21.05
CA TYR D 17 -14.12 -5.22 -22.14
C TYR D 17 -14.03 -6.40 -23.10
N SER D 18 -14.88 -7.42 -22.97
CA SER D 18 -14.79 -8.69 -23.70
C SER D 18 -14.57 -8.54 -25.19
N ILE D 19 -15.38 -7.73 -25.87
CA ILE D 19 -15.30 -7.59 -27.32
C ILE D 19 -13.93 -7.05 -27.73
N TYR D 20 -13.48 -5.99 -27.04
CA TYR D 20 -12.24 -5.34 -27.45
C TYR D 20 -11.00 -6.18 -27.15
N VAL D 21 -10.96 -6.85 -26.00
CA VAL D 21 -9.83 -7.73 -25.67
C VAL D 21 -9.79 -8.90 -26.64
N TYR D 22 -10.96 -9.40 -27.04
CA TYR D 22 -11.01 -10.49 -28.01
C TYR D 22 -10.52 -10.01 -29.38
N LYS D 23 -10.95 -8.83 -29.81
CA LYS D 23 -10.48 -8.27 -31.06
C LYS D 23 -8.96 -8.17 -31.06
N VAL D 24 -8.39 -7.64 -29.98
CA VAL D 24 -6.94 -7.48 -29.92
C VAL D 24 -6.26 -8.84 -29.98
N LEU D 25 -6.80 -9.82 -29.26
CA LEU D 25 -6.24 -11.17 -29.30
C LEU D 25 -6.25 -11.71 -30.72
N LYS D 26 -7.37 -11.53 -31.42
CA LYS D 26 -7.50 -12.03 -32.78
C LYS D 26 -6.54 -11.31 -33.71
N GLN D 27 -6.16 -10.09 -33.36
CA GLN D 27 -5.20 -9.35 -34.16
C GLN D 27 -3.79 -9.87 -33.94
N VAL D 28 -3.43 -10.16 -32.69
CA VAL D 28 -2.09 -10.58 -32.35
C VAL D 28 -1.89 -12.08 -32.52
N HIS D 29 -2.94 -12.86 -32.28
CA HIS D 29 -2.87 -14.34 -32.41
C HIS D 29 -4.13 -14.82 -33.11
N PRO D 30 -4.22 -14.79 -34.46
CA PRO D 30 -5.49 -15.13 -35.14
C PRO D 30 -6.02 -16.52 -34.83
N ASP D 31 -5.15 -17.48 -34.55
CA ASP D 31 -5.50 -18.89 -34.33
C ASP D 31 -5.52 -19.26 -32.85
N THR D 32 -5.53 -18.30 -31.92
CA THR D 32 -5.51 -18.57 -30.49
C THR D 32 -6.79 -18.06 -29.84
N GLY D 33 -7.44 -18.89 -29.05
CA GLY D 33 -8.63 -18.50 -28.33
C GLY D 33 -8.33 -18.16 -26.88
N ILE D 34 -9.40 -18.08 -26.09
CA ILE D 34 -9.27 -17.70 -24.68
C ILE D 34 -10.45 -18.27 -23.90
N SER D 35 -10.17 -18.76 -22.69
CA SER D 35 -11.20 -19.30 -21.81
C SER D 35 -11.95 -18.18 -21.11
N SER D 36 -13.14 -18.51 -20.60
CA SER D 36 -13.93 -17.51 -19.87
C SER D 36 -13.20 -17.04 -18.61
N LYS D 37 -12.54 -17.96 -17.89
CA LYS D 37 -11.80 -17.58 -16.69
C LYS D 37 -10.73 -16.55 -17.03
N ALA D 38 -9.96 -16.81 -18.09
CA ALA D 38 -8.93 -15.88 -18.51
C ALA D 38 -9.56 -14.55 -18.89
N MET D 39 -10.72 -14.59 -19.53
CA MET D 39 -11.46 -13.39 -19.87
C MET D 39 -11.79 -12.58 -18.63
N GLY D 40 -12.23 -13.23 -17.55
CA GLY D 40 -12.48 -12.53 -16.29
C GLY D 40 -11.21 -11.90 -15.75
N ILE D 41 -10.09 -12.62 -15.85
CA ILE D 41 -8.81 -12.07 -15.42
C ILE D 41 -8.50 -10.80 -16.19
N MET D 42 -8.64 -10.85 -17.51
CA MET D 42 -8.35 -9.68 -18.34
C MET D 42 -9.25 -8.50 -17.97
N ASN D 43 -10.54 -8.76 -17.76
CA ASN D 43 -11.45 -7.68 -17.38
C ASN D 43 -11.00 -7.03 -16.07
N SER D 44 -10.70 -7.85 -15.06
CA SER D 44 -10.21 -7.30 -13.80
C SER D 44 -8.96 -6.48 -14.02
N PHE D 45 -8.04 -6.98 -14.85
CA PHE D 45 -6.79 -6.27 -15.11
C PHE D 45 -7.07 -4.89 -15.70
N VAL D 46 -7.88 -4.86 -16.75
CA VAL D 46 -8.19 -3.59 -17.41
C VAL D 46 -8.80 -2.61 -16.42
N ASN D 47 -9.82 -3.05 -15.67
CA ASN D 47 -10.45 -2.17 -14.70
C ASN D 47 -9.44 -1.60 -13.71
N ASP D 48 -8.58 -2.48 -13.17
CA ASP D 48 -7.59 -2.04 -12.20
C ASP D 48 -6.67 -0.98 -12.79
N ILE D 49 -6.08 -1.22 -13.96
CA ILE D 49 -5.14 -0.27 -14.54
C ILE D 49 -5.83 1.01 -14.99
N PHE D 50 -7.07 0.95 -15.47
CA PHE D 50 -7.85 2.14 -15.75
C PHE D 50 -8.02 2.98 -14.47
N GLU D 51 -8.35 2.34 -13.36
CA GLU D 51 -8.53 3.04 -12.09
C GLU D 51 -7.23 3.72 -11.68
N ARG D 52 -6.13 2.95 -11.70
CA ARG D 52 -4.84 3.51 -11.26
C ARG D 52 -4.49 4.77 -12.04
N ILE D 53 -4.49 4.69 -13.37
CA ILE D 53 -4.06 5.82 -14.21
C ILE D 53 -5.01 7.00 -14.04
N ALA D 54 -6.32 6.78 -14.05
CA ALA D 54 -7.28 7.88 -13.91
C ALA D 54 -7.16 8.53 -12.53
N GLY D 55 -7.00 7.72 -11.49
CA GLY D 55 -6.87 8.25 -10.15
C GLY D 55 -5.63 9.11 -9.98
N GLU D 56 -4.50 8.65 -10.53
CA GLU D 56 -3.29 9.46 -10.44
C GLU D 56 -3.44 10.74 -11.25
N ALA D 57 -4.09 10.69 -12.41
CA ALA D 57 -4.32 11.91 -13.17
C ALA D 57 -5.19 12.89 -12.39
N SER D 58 -6.21 12.38 -11.70
CA SER D 58 -7.07 13.23 -10.88
C SER D 58 -6.26 13.89 -9.78
N ARG D 59 -5.44 13.13 -9.06
CA ARG D 59 -4.60 13.69 -7.99
C ARG D 59 -3.65 14.71 -8.55
N LEU D 60 -3.05 14.45 -9.71
CA LEU D 60 -2.17 15.41 -10.35
C LEU D 60 -2.91 16.72 -10.61
N ALA D 61 -4.09 16.63 -11.20
CA ALA D 61 -4.88 17.83 -11.48
C ALA D 61 -5.12 18.62 -10.20
N HIS D 62 -5.54 17.92 -9.15
CA HIS D 62 -5.82 18.60 -7.88
C HIS D 62 -4.58 19.30 -7.33
N TYR D 63 -3.43 18.63 -7.41
CA TYR D 63 -2.17 19.21 -6.86
C TYR D 63 -1.87 20.55 -7.52
N ASN D 64 -2.11 20.66 -8.83
CA ASN D 64 -1.75 21.86 -9.57
C ASN D 64 -2.91 22.84 -9.64
N LYS D 65 -3.94 22.64 -8.82
CA LYS D 65 -5.10 23.52 -8.74
C LYS D 65 -5.73 23.71 -10.11
N ARG D 66 -5.85 22.60 -10.84
CA ARG D 66 -6.49 22.57 -12.15
C ARG D 66 -7.74 21.72 -12.07
N SER D 67 -8.73 22.05 -12.90
CA SER D 67 -10.01 21.34 -12.89
C SER D 67 -10.20 20.42 -14.09
N THR D 68 -9.26 20.38 -15.03
CA THR D 68 -9.42 19.61 -16.26
C THR D 68 -8.32 18.57 -16.38
N ILE D 69 -8.72 17.34 -16.71
CA ILE D 69 -7.79 16.25 -17.00
C ILE D 69 -7.54 16.21 -18.50
N THR D 70 -6.31 16.49 -18.91
CA THR D 70 -5.91 16.53 -20.31
C THR D 70 -4.96 15.38 -20.59
N SER D 71 -4.47 15.31 -21.83
CA SER D 71 -3.54 14.25 -22.20
C SER D 71 -2.23 14.33 -21.41
N ARG D 72 -1.82 15.54 -20.99
CA ARG D 72 -0.59 15.66 -20.22
C ARG D 72 -0.67 14.93 -18.89
N GLU D 73 -1.79 15.06 -18.17
CA GLU D 73 -1.97 14.38 -16.89
C GLU D 73 -1.90 12.89 -17.09
N ILE D 74 -2.54 12.37 -18.15
CA ILE D 74 -2.50 10.94 -18.42
C ILE D 74 -1.07 10.50 -18.68
N GLN D 75 -0.35 11.25 -19.51
CA GLN D 75 1.04 10.91 -19.82
C GLN D 75 1.88 10.83 -18.56
N THR D 76 1.78 11.86 -17.71
CA THR D 76 2.56 11.87 -16.47
C THR D 76 2.18 10.70 -15.57
N ALA D 77 0.89 10.43 -15.45
CA ALA D 77 0.43 9.29 -14.67
C ALA D 77 1.05 8.01 -15.19
N VAL D 78 1.08 7.84 -16.50
CA VAL D 78 1.64 6.67 -17.15
C VAL D 78 3.10 6.55 -16.79
N ARG D 79 3.86 7.65 -16.77
CA ARG D 79 5.27 7.61 -16.36
C ARG D 79 5.40 7.21 -14.89
N LEU D 80 4.47 7.66 -14.05
CA LEU D 80 4.56 7.38 -12.63
C LEU D 80 4.22 5.93 -12.32
N LEU D 81 3.26 5.36 -13.04
CA LEU D 81 2.79 4.01 -12.76
C LEU D 81 3.66 2.95 -13.44
N LEU D 82 3.77 2.99 -14.76
CA LEU D 82 4.40 1.93 -15.53
C LEU D 82 5.91 1.94 -15.28
N PRO D 83 6.54 0.82 -14.90
CA PRO D 83 7.98 0.79 -14.64
C PRO D 83 8.81 0.65 -15.89
N GLY D 84 9.90 1.42 -15.94
CA GLY D 84 10.88 1.29 -17.01
C GLY D 84 10.36 1.41 -18.43
N GLU D 85 10.70 0.41 -19.25
CA GLU D 85 10.39 0.45 -20.68
C GLU D 85 8.89 0.38 -20.95
N LEU D 86 8.10 -0.13 -20.02
CA LEU D 86 6.65 -0.11 -20.19
C LEU D 86 6.16 1.30 -20.47
N ALA D 87 6.65 2.26 -19.68
CA ALA D 87 6.24 3.65 -19.84
C ALA D 87 6.60 4.20 -21.21
N LYS D 88 7.84 4.00 -21.65
CA LYS D 88 8.28 4.54 -22.94
C LYS D 88 7.34 4.15 -24.07
N HIS D 89 7.07 2.87 -24.22
CA HIS D 89 6.23 2.38 -25.30
C HIS D 89 4.80 2.85 -25.12
N ALA D 90 4.25 2.83 -23.92
CA ALA D 90 2.89 3.29 -23.69
C ALA D 90 2.76 4.75 -24.09
N VAL D 91 3.74 5.56 -23.75
CA VAL D 91 3.74 6.97 -24.11
C VAL D 91 3.76 7.11 -25.63
N SER D 92 4.64 6.35 -26.29
CA SER D 92 4.66 6.38 -27.76
C SER D 92 3.28 6.09 -28.34
N GLU D 93 2.63 5.03 -27.86
CA GLU D 93 1.32 4.59 -28.35
C GLU D 93 0.27 5.67 -28.12
N GLY D 94 0.25 6.26 -26.94
CA GLY D 94 -0.69 7.33 -26.63
C GLY D 94 -0.48 8.54 -27.51
N THR D 95 0.78 8.95 -27.68
CA THR D 95 1.07 10.12 -28.48
C THR D 95 0.64 9.90 -29.92
N LYS D 96 0.97 8.73 -30.48
CA LYS D 96 0.56 8.42 -31.85
C LYS D 96 -0.94 8.49 -31.99
N ALA D 97 -1.67 7.88 -31.05
CA ALA D 97 -3.13 7.87 -31.12
C ALA D 97 -3.70 9.27 -31.07
N VAL D 98 -3.22 10.08 -30.12
CA VAL D 98 -3.72 11.46 -29.99
C VAL D 98 -3.45 12.24 -31.27
N THR D 99 -2.23 12.11 -31.80
CA THR D 99 -1.87 12.80 -33.04
C THR D 99 -2.82 12.42 -34.16
N LYS D 100 -3.04 11.12 -34.36
CA LYS D 100 -3.94 10.67 -35.42
C LYS D 100 -5.35 11.21 -35.20
N TYR D 101 -5.84 11.17 -33.96
CA TYR D 101 -7.20 11.63 -33.67
C TYR D 101 -7.36 13.11 -33.98
N THR D 102 -6.36 13.92 -33.61
CA THR D 102 -6.49 15.37 -33.79
C THR D 102 -6.54 15.75 -35.27
N SER D 103 -5.98 14.93 -36.14
CA SER D 103 -6.05 15.16 -37.58
C SER D 103 -7.21 14.42 -38.23
N ALA D 104 -8.11 13.86 -37.43
CA ALA D 104 -9.29 13.14 -37.92
C ALA D 104 -8.96 12.12 -39.01
N PRO E 15 10.93 -54.09 1.15
CA PRO E 15 11.41 -54.02 -0.24
C PRO E 15 12.03 -52.67 -0.59
N HIS E 16 11.45 -51.96 -1.55
CA HIS E 16 11.99 -50.68 -1.96
C HIS E 16 11.50 -49.58 -1.03
N ARG E 17 12.43 -48.77 -0.53
CA ARG E 17 12.10 -47.61 0.30
C ARG E 17 12.88 -46.40 -0.17
N TYR E 18 12.17 -45.37 -0.62
CA TYR E 18 12.82 -44.14 -1.04
C TYR E 18 13.44 -43.43 0.15
N ARG E 19 14.64 -42.90 -0.06
CA ARG E 19 15.32 -42.19 1.02
C ARG E 19 14.58 -40.89 1.35
N PRO E 20 14.53 -40.50 2.63
CA PRO E 20 13.91 -39.22 2.99
C PRO E 20 14.38 -38.07 2.12
N GLY E 21 13.41 -37.36 1.55
CA GLY E 21 13.69 -36.23 0.68
C GLY E 21 13.25 -36.43 -0.75
N THR E 22 13.34 -37.67 -1.25
CA THR E 22 12.97 -37.93 -2.63
C THR E 22 11.49 -37.66 -2.85
N VAL E 23 10.64 -38.21 -1.99
CA VAL E 23 9.20 -38.03 -2.16
C VAL E 23 8.83 -36.59 -1.90
N ALA E 24 9.53 -35.93 -0.99
CA ALA E 24 9.27 -34.51 -0.74
C ALA E 24 9.49 -33.69 -2.01
N LEU E 25 10.62 -33.94 -2.69
CA LEU E 25 10.89 -33.21 -3.93
C LEU E 25 9.89 -33.56 -5.02
N ARG E 26 9.47 -34.83 -5.09
CA ARG E 26 8.46 -35.19 -6.08
C ARG E 26 7.16 -34.45 -5.81
N GLU E 27 6.78 -34.33 -4.54
CA GLU E 27 5.57 -33.62 -4.17
C GLU E 27 5.69 -32.14 -4.50
N ILE E 28 6.86 -31.56 -4.20
CA ILE E 28 7.10 -30.17 -4.57
C ILE E 28 6.85 -29.97 -6.06
N ARG E 29 7.50 -30.78 -6.88
CA ARG E 29 7.33 -30.66 -8.34
C ARG E 29 5.87 -30.79 -8.74
N ARG E 30 5.17 -31.77 -8.16
CA ARG E 30 3.78 -32.01 -8.57
C ARG E 30 2.91 -30.82 -8.22
N TYR E 31 3.03 -30.30 -7.00
CA TYR E 31 2.15 -29.22 -6.59
C TYR E 31 2.54 -27.91 -7.23
N GLN E 32 3.81 -27.74 -7.59
CA GLN E 32 4.23 -26.54 -8.29
C GLN E 32 3.83 -26.58 -9.76
N LYS E 33 3.49 -27.76 -10.28
CA LYS E 33 3.07 -27.85 -11.67
C LYS E 33 1.55 -27.72 -11.80
N SER E 34 0.81 -28.07 -10.77
CA SER E 34 -0.64 -28.05 -10.76
C SER E 34 -1.18 -26.73 -10.23
N THR E 35 -2.48 -26.47 -10.48
CA THR E 35 -3.09 -25.23 -10.00
C THR E 35 -4.36 -25.41 -9.17
N GLU E 36 -4.87 -26.61 -8.96
CA GLU E 36 -6.11 -26.78 -8.19
C GLU E 36 -5.91 -26.35 -6.74
N LEU E 37 -7.01 -26.03 -6.08
CA LEU E 37 -7.00 -25.62 -4.68
C LEU E 37 -6.65 -26.82 -3.82
N LEU E 38 -5.86 -26.61 -2.78
CA LEU E 38 -5.35 -27.75 -2.01
C LEU E 38 -6.07 -27.99 -0.69
N ILE E 39 -6.79 -27.03 -0.12
CA ILE E 39 -7.61 -27.28 1.07
C ILE E 39 -8.96 -27.86 0.62
N ARG E 40 -9.51 -28.81 1.37
CA ARG E 40 -10.84 -29.35 1.13
C ARG E 40 -11.89 -28.25 1.26
N LYS E 41 -12.85 -28.26 0.32
CA LYS E 41 -13.82 -27.18 0.23
C LYS E 41 -14.73 -27.13 1.46
N LEU E 42 -15.37 -28.24 1.81
CA LEU E 42 -16.34 -28.23 2.92
C LEU E 42 -15.74 -27.76 4.23
N PRO E 43 -14.63 -28.32 4.74
CA PRO E 43 -14.06 -27.78 5.98
C PRO E 43 -13.80 -26.28 5.92
N PHE E 44 -13.25 -25.79 4.80
CA PHE E 44 -12.99 -24.36 4.69
C PHE E 44 -14.28 -23.57 4.78
N GLN E 45 -15.33 -24.01 4.07
CA GLN E 45 -16.61 -23.33 4.13
C GLN E 45 -17.12 -23.26 5.56
N ARG E 46 -17.04 -24.38 6.29
CA ARG E 46 -17.48 -24.41 7.68
C ARG E 46 -16.67 -23.45 8.52
N LEU E 47 -15.36 -23.35 8.29
CA LEU E 47 -14.54 -22.40 9.01
C LEU E 47 -14.98 -20.97 8.74
N VAL E 48 -15.17 -20.63 7.46
CA VAL E 48 -15.62 -19.29 7.08
C VAL E 48 -16.92 -18.96 7.80
N ARG E 49 -17.88 -19.88 7.77
CA ARG E 49 -19.17 -19.60 8.38
C ARG E 49 -19.02 -19.39 9.89
N GLU E 50 -18.21 -20.22 10.54
CA GLU E 50 -17.96 -20.10 11.97
C GLU E 50 -17.35 -18.74 12.30
N ILE E 51 -16.41 -18.27 11.49
CA ILE E 51 -15.75 -16.99 11.76
C ILE E 51 -16.73 -15.84 11.55
N ALA E 52 -17.51 -15.89 10.48
CA ALA E 52 -18.43 -14.79 10.18
C ALA E 52 -19.51 -14.68 11.24
N GLN E 53 -19.83 -15.79 11.89
CA GLN E 53 -20.89 -15.81 12.90
C GLN E 53 -20.64 -14.82 14.02
N ASP E 54 -19.36 -14.57 14.35
CA ASP E 54 -19.04 -13.69 15.47
C ASP E 54 -19.33 -12.23 15.16
N PHE E 55 -19.47 -11.87 13.88
CA PHE E 55 -19.72 -10.49 13.48
C PHE E 55 -21.19 -10.21 13.25
N LYS E 56 -21.90 -11.13 12.61
CA LYS E 56 -23.32 -10.97 12.33
C LYS E 56 -23.96 -12.34 12.23
N THR E 57 -25.15 -12.48 12.79
CA THR E 57 -25.85 -13.75 12.80
C THR E 57 -26.65 -13.93 11.51
N ASP E 58 -27.08 -15.17 11.28
CA ASP E 58 -27.89 -15.58 10.13
C ASP E 58 -27.35 -15.02 8.81
N LEU E 59 -26.04 -15.15 8.63
CA LEU E 59 -25.38 -14.66 7.43
C LEU E 59 -25.33 -15.76 6.38
N ARG E 60 -25.76 -15.43 5.17
CA ARG E 60 -25.71 -16.30 3.99
C ARG E 60 -24.52 -15.98 3.11
N PHE E 61 -24.01 -16.97 2.39
CA PHE E 61 -22.78 -16.83 1.63
C PHE E 61 -22.96 -17.28 0.19
N GLN E 62 -22.60 -16.40 -0.75
CA GLN E 62 -22.57 -16.81 -2.15
C GLN E 62 -21.48 -17.85 -2.35
N SER E 63 -21.74 -18.83 -3.22
CA SER E 63 -20.71 -19.81 -3.53
C SER E 63 -19.43 -19.16 -4.00
N SER E 64 -19.55 -18.14 -4.86
CA SER E 64 -18.36 -17.47 -5.38
C SER E 64 -17.62 -16.71 -4.29
N ALA E 65 -18.33 -16.18 -3.30
CA ALA E 65 -17.66 -15.50 -2.20
C ALA E 65 -16.72 -16.46 -1.46
N VAL E 66 -17.24 -17.64 -1.12
CA VAL E 66 -16.45 -18.64 -0.43
C VAL E 66 -15.28 -19.08 -1.30
N MET E 67 -15.54 -19.28 -2.60
CA MET E 67 -14.47 -19.72 -3.49
C MET E 67 -13.35 -18.67 -3.56
N ALA E 68 -13.72 -17.40 -3.66
CA ALA E 68 -12.75 -16.32 -3.68
C ALA E 68 -11.94 -16.28 -2.40
N LEU E 69 -12.62 -16.40 -1.26
CA LEU E 69 -11.94 -16.39 0.02
C LEU E 69 -10.92 -17.51 0.10
N GLN E 70 -11.33 -18.73 -0.28
CA GLN E 70 -10.42 -19.87 -0.19
C GLN E 70 -9.19 -19.66 -1.06
N GLU E 71 -9.42 -19.23 -2.31
CA GLU E 71 -8.39 -18.96 -3.30
C GLU E 71 -7.38 -17.95 -2.77
N ALA E 72 -7.87 -16.86 -2.20
CA ALA E 72 -7.03 -15.79 -1.67
C ALA E 72 -6.23 -16.28 -0.48
N CYS E 73 -6.89 -17.00 0.44
CA CYS E 73 -6.23 -17.48 1.64
C CYS E 73 -5.08 -18.41 1.28
N GLU E 74 -5.32 -19.35 0.37
CA GLU E 74 -4.28 -20.27 -0.07
C GLU E 74 -3.12 -19.52 -0.69
N ALA E 75 -3.37 -18.51 -1.53
CA ALA E 75 -2.27 -17.72 -2.11
C ALA E 75 -1.46 -17.05 -1.00
N TYR E 76 -2.14 -16.45 -0.02
CA TYR E 76 -1.44 -15.79 1.08
C TYR E 76 -0.56 -16.78 1.82
N LEU E 77 -1.09 -17.96 2.12
CA LEU E 77 -0.34 -18.94 2.90
C LEU E 77 0.85 -19.45 2.11
N VAL E 78 0.68 -19.68 0.81
CA VAL E 78 1.79 -20.11 -0.03
C VAL E 78 2.90 -19.07 0.00
N GLY E 79 2.54 -17.79 -0.18
CA GLY E 79 3.54 -16.74 -0.10
C GLY E 79 4.26 -16.73 1.23
N LEU E 80 3.51 -16.94 2.31
CA LEU E 80 4.12 -16.94 3.64
C LEU E 80 5.08 -18.10 3.78
N PHE E 81 4.69 -19.29 3.31
CA PHE E 81 5.57 -20.44 3.39
C PHE E 81 6.82 -20.23 2.56
N GLU E 82 6.71 -19.53 1.43
CA GLU E 82 7.88 -19.21 0.62
C GLU E 82 8.85 -18.36 1.41
N ASP E 83 8.34 -17.31 2.05
CA ASP E 83 9.23 -16.43 2.81
C ASP E 83 9.81 -17.17 4.01
N THR E 84 9.00 -18.00 4.66
CA THR E 84 9.47 -18.81 5.78
C THR E 84 10.61 -19.72 5.34
N ASN E 85 10.45 -20.36 4.18
CA ASN E 85 11.51 -21.21 3.65
C ASN E 85 12.79 -20.42 3.45
N LEU E 86 12.67 -19.24 2.84
CA LEU E 86 13.85 -18.40 2.64
C LEU E 86 14.52 -18.10 3.97
N CYS E 87 13.72 -17.80 4.99
CA CYS E 87 14.26 -17.53 6.33
C CYS E 87 15.02 -18.74 6.87
N ALA E 88 14.44 -19.93 6.74
CA ALA E 88 15.09 -21.15 7.23
C ALA E 88 16.48 -21.34 6.62
N ILE E 89 16.57 -21.23 5.29
CA ILE E 89 17.86 -21.41 4.61
C ILE E 89 18.91 -20.46 5.17
N HIS E 90 18.49 -19.23 5.49
CA HIS E 90 19.42 -18.25 6.03
C HIS E 90 20.12 -18.75 7.30
N ALA E 91 19.41 -19.51 8.14
CA ALA E 91 19.98 -20.05 9.35
C ALA E 91 20.65 -21.41 9.14
N LYS E 92 20.99 -21.74 7.89
CA LYS E 92 21.68 -22.97 7.54
C LYS E 92 20.86 -24.21 7.92
N ARG E 93 19.55 -24.07 7.92
CA ARG E 93 18.64 -25.16 8.22
C ARG E 93 17.77 -25.47 7.01
N VAL E 94 17.23 -26.69 6.97
CA VAL E 94 16.29 -27.07 5.93
C VAL E 94 14.89 -27.30 6.47
N THR E 95 14.68 -27.21 7.78
CA THR E 95 13.37 -27.43 8.40
C THR E 95 12.80 -26.11 8.89
N ILE E 96 11.56 -25.84 8.51
CA ILE E 96 10.89 -24.64 9.00
C ILE E 96 10.31 -24.89 10.39
N MET E 97 10.43 -23.90 11.26
CA MET E 97 9.92 -23.92 12.63
C MET E 97 9.15 -22.63 12.87
N PRO E 98 8.31 -22.58 13.92
CA PRO E 98 7.57 -21.35 14.22
C PRO E 98 8.40 -20.07 14.26
N LYS E 99 9.65 -20.13 14.72
CA LYS E 99 10.46 -18.92 14.76
C LYS E 99 10.62 -18.33 13.36
N ASP E 100 10.67 -19.17 12.33
CA ASP E 100 10.79 -18.67 10.97
C ASP E 100 9.53 -17.92 10.54
N ILE E 101 8.36 -18.50 10.78
CA ILE E 101 7.11 -17.81 10.47
C ILE E 101 7.05 -16.49 11.20
N GLN E 102 7.39 -16.49 12.49
CA GLN E 102 7.30 -15.28 13.29
C GLN E 102 8.21 -14.20 12.69
N LEU E 103 9.46 -14.58 12.38
CA LEU E 103 10.38 -13.60 11.79
C LEU E 103 9.83 -13.06 10.48
N ALA E 104 9.41 -13.96 9.58
CA ALA E 104 8.88 -13.53 8.29
C ALA E 104 7.76 -12.51 8.49
N ARG E 105 6.81 -12.83 9.37
CA ARG E 105 5.68 -11.94 9.59
C ARG E 105 6.14 -10.60 10.14
N ARG E 106 7.07 -10.63 11.11
CA ARG E 106 7.59 -9.39 11.68
C ARG E 106 8.19 -8.51 10.58
N ILE E 107 9.03 -9.10 9.73
CA ILE E 107 9.67 -8.32 8.68
C ILE E 107 8.63 -7.77 7.71
N ARG E 108 7.60 -8.57 7.42
CA ARG E 108 6.56 -8.13 6.49
C ARG E 108 5.73 -6.99 7.07
N GLY E 109 5.79 -6.76 8.38
CA GLY E 109 5.02 -5.73 9.03
C GLY E 109 3.74 -6.22 9.67
N GLU E 110 3.37 -7.48 9.47
CA GLU E 110 2.12 -8.01 10.00
C GLU E 110 2.12 -8.00 11.52
N ASN F 14 -14.34 -25.71 14.09
CA ASN F 14 -13.98 -26.09 12.69
C ASN F 14 -12.53 -25.82 12.23
N ILE F 15 -11.67 -25.09 12.98
CA ILE F 15 -10.32 -24.76 12.57
C ILE F 15 -9.50 -26.02 12.41
N GLN F 16 -9.87 -27.09 13.12
CA GLN F 16 -9.16 -28.35 13.02
C GLN F 16 -9.41 -29.02 11.69
N GLY F 17 -10.45 -28.59 10.95
CA GLY F 17 -10.70 -29.11 9.62
C GLY F 17 -9.56 -28.86 8.65
N ILE F 18 -8.74 -27.84 8.91
CA ILE F 18 -7.55 -27.61 8.12
C ILE F 18 -6.51 -28.62 8.61
N THR F 19 -6.53 -29.81 8.00
CA THR F 19 -5.73 -30.93 8.49
C THR F 19 -4.24 -30.73 8.18
N LYS F 20 -3.42 -31.52 8.87
CA LYS F 20 -1.97 -31.61 8.70
C LYS F 20 -1.57 -31.87 7.23
N PRO F 21 -2.10 -32.87 6.52
CA PRO F 21 -1.77 -33.05 5.09
C PRO F 21 -2.03 -31.82 4.23
N ALA F 22 -3.14 -31.11 4.44
CA ALA F 22 -3.40 -29.90 3.67
C ALA F 22 -2.30 -28.86 3.87
N ILE F 23 -1.95 -28.59 5.13
CA ILE F 23 -0.88 -27.63 5.41
C ILE F 23 0.41 -28.09 4.74
N ARG F 24 0.70 -29.39 4.80
CA ARG F 24 1.88 -29.94 4.15
C ARG F 24 1.83 -29.65 2.67
N ARG F 25 0.70 -29.85 1.99
CA ARG F 25 0.58 -29.56 0.57
C ARG F 25 0.87 -28.09 0.29
N LEU F 26 0.29 -27.20 1.12
CA LEU F 26 0.54 -25.77 0.96
C LEU F 26 2.04 -25.49 1.07
N ALA F 27 2.70 -26.11 2.03
CA ALA F 27 4.14 -25.90 2.19
C ALA F 27 4.88 -26.41 0.96
N ARG F 28 4.43 -27.52 0.40
CA ARG F 28 5.07 -28.10 -0.78
C ARG F 28 4.99 -27.13 -1.95
N ARG F 29 3.83 -26.51 -2.16
CA ARG F 29 3.73 -25.52 -3.21
C ARG F 29 4.68 -24.36 -2.97
N GLY F 30 4.94 -24.04 -1.71
CA GLY F 30 5.88 -23.01 -1.33
C GLY F 30 7.33 -23.43 -1.39
N GLY F 31 7.62 -24.65 -1.80
CA GLY F 31 8.99 -25.10 -1.95
C GLY F 31 9.63 -25.60 -0.67
N VAL F 32 8.82 -26.02 0.30
CA VAL F 32 9.32 -26.48 1.59
C VAL F 32 9.60 -27.97 1.53
N LYS F 33 10.77 -28.39 2.01
CA LYS F 33 11.18 -29.79 1.96
C LYS F 33 10.93 -30.51 3.28
N ARG F 34 11.22 -29.87 4.42
CA ARG F 34 11.06 -30.49 5.73
C ARG F 34 10.21 -29.58 6.60
N ILE F 35 9.33 -30.16 7.41
CA ILE F 35 8.39 -29.40 8.21
C ILE F 35 8.42 -29.88 9.66
N SER F 36 8.55 -28.95 10.59
CA SER F 36 8.51 -29.28 12.01
C SER F 36 7.07 -29.58 12.44
N GLY F 37 6.94 -30.34 13.53
CA GLY F 37 5.62 -30.72 14.00
C GLY F 37 4.81 -29.58 14.58
N LEU F 38 5.46 -28.49 14.98
CA LEU F 38 4.79 -27.36 15.60
C LEU F 38 4.30 -26.33 14.59
N ILE F 39 4.60 -26.53 13.31
CA ILE F 39 4.25 -25.57 12.28
C ILE F 39 2.74 -25.51 12.07
N TYR F 40 2.06 -26.64 12.25
CA TYR F 40 0.64 -26.77 11.99
C TYR F 40 -0.22 -25.86 12.88
N GLU F 41 0.01 -25.81 14.18
CA GLU F 41 -0.72 -24.89 15.07
C GLU F 41 -0.46 -23.43 14.73
N GLU F 42 0.78 -23.08 14.37
CA GLU F 42 1.11 -21.70 14.03
C GLU F 42 0.39 -21.28 12.75
N THR F 43 0.45 -22.14 11.73
CA THR F 43 -0.21 -21.84 10.47
C THR F 43 -1.70 -21.65 10.68
N ARG F 44 -2.33 -22.55 11.44
CA ARG F 44 -3.75 -22.43 11.72
C ARG F 44 -4.07 -21.07 12.34
N GLY F 45 -3.27 -20.66 13.33
CA GLY F 45 -3.49 -19.36 13.95
C GLY F 45 -3.38 -18.21 12.98
N VAL F 46 -2.32 -18.24 12.16
CA VAL F 46 -2.10 -17.18 11.18
C VAL F 46 -3.29 -17.10 10.22
N LEU F 47 -3.70 -18.26 9.71
CA LEU F 47 -4.83 -18.31 8.78
C LEU F 47 -6.08 -17.75 9.43
N LYS F 48 -6.32 -18.13 10.69
CA LYS F 48 -7.49 -17.63 11.40
C LYS F 48 -7.47 -16.12 11.47
N VAL F 49 -6.33 -15.53 11.85
CA VAL F 49 -6.23 -14.08 11.95
C VAL F 49 -6.54 -13.43 10.60
N PHE F 50 -5.87 -13.89 9.54
CA PHE F 50 -6.11 -13.34 8.21
C PHE F 50 -7.59 -13.39 7.86
N LEU F 51 -8.18 -14.58 7.99
CA LEU F 51 -9.59 -14.77 7.67
C LEU F 51 -10.46 -13.82 8.46
N GLU F 52 -10.23 -13.74 9.78
CA GLU F 52 -11.01 -12.83 10.62
C GLU F 52 -10.99 -11.42 10.04
N ASN F 53 -9.80 -10.92 9.70
CA ASN F 53 -9.69 -9.57 9.17
C ASN F 53 -10.53 -9.40 7.91
N VAL F 54 -10.36 -10.33 6.96
CA VAL F 54 -11.04 -10.21 5.68
C VAL F 54 -12.55 -10.29 5.88
N ILE F 55 -13.00 -11.25 6.67
CA ILE F 55 -14.43 -11.45 6.90
C ILE F 55 -15.03 -10.22 7.56
N ARG F 56 -14.33 -9.67 8.56
CA ARG F 56 -14.78 -8.43 9.20
C ARG F 56 -15.08 -7.38 8.15
N ASP F 57 -14.11 -7.10 7.29
CA ASP F 57 -14.31 -6.04 6.30
C ASP F 57 -15.45 -6.38 5.32
N ALA F 58 -15.49 -7.64 4.88
CA ALA F 58 -16.54 -8.04 3.94
C ALA F 58 -17.93 -7.88 4.55
N VAL F 59 -18.08 -8.25 5.82
CA VAL F 59 -19.36 -8.12 6.49
C VAL F 59 -19.72 -6.65 6.65
N THR F 60 -18.73 -5.81 6.96
CA THR F 60 -19.00 -4.38 7.03
C THR F 60 -19.57 -3.88 5.70
N TYR F 61 -18.94 -4.28 4.60
CA TYR F 61 -19.43 -3.89 3.28
C TYR F 61 -20.85 -4.38 3.08
N THR F 62 -21.13 -5.64 3.44
CA THR F 62 -22.48 -6.19 3.29
C THR F 62 -23.50 -5.35 4.07
N GLU F 63 -23.20 -5.06 5.33
CA GLU F 63 -24.13 -4.31 6.16
C GLU F 63 -24.38 -2.92 5.60
N HIS F 64 -23.34 -2.29 5.05
CA HIS F 64 -23.54 -0.95 4.48
C HIS F 64 -24.52 -0.98 3.31
N ALA F 65 -24.51 -2.04 2.52
CA ALA F 65 -25.42 -2.19 1.40
C ALA F 65 -26.80 -2.64 1.82
N LYS F 66 -27.03 -2.82 3.12
CA LYS F 66 -28.30 -3.27 3.67
C LYS F 66 -28.68 -4.65 3.14
N ARG F 67 -27.69 -5.47 2.81
CA ARG F 67 -27.89 -6.81 2.31
C ARG F 67 -27.69 -7.81 3.43
N LYS F 68 -28.21 -9.02 3.23
CA LYS F 68 -28.01 -10.11 4.17
C LYS F 68 -27.15 -11.22 3.60
N THR F 69 -26.70 -11.12 2.37
CA THR F 69 -25.83 -12.09 1.70
C THR F 69 -24.53 -11.40 1.37
N VAL F 70 -23.41 -11.96 1.81
CA VAL F 70 -22.11 -11.46 1.38
C VAL F 70 -21.87 -11.93 -0.05
N THR F 71 -21.59 -10.99 -0.94
CA THR F 71 -21.35 -11.30 -2.34
C THR F 71 -19.85 -11.40 -2.58
N ALA F 72 -19.49 -11.97 -3.72
CA ALA F 72 -18.08 -12.05 -4.09
C ALA F 72 -17.46 -10.67 -4.21
N MET F 73 -18.23 -9.69 -4.69
CA MET F 73 -17.71 -8.33 -4.81
C MET F 73 -17.25 -7.78 -3.47
N ASP F 74 -18.05 -7.96 -2.42
CA ASP F 74 -17.65 -7.51 -1.08
C ASP F 74 -16.29 -8.08 -0.70
N VAL F 75 -16.10 -9.38 -0.91
CA VAL F 75 -14.83 -10.02 -0.60
C VAL F 75 -13.71 -9.39 -1.41
N VAL F 76 -13.92 -9.24 -2.72
CA VAL F 76 -12.90 -8.65 -3.58
C VAL F 76 -12.49 -7.29 -3.04
N TYR F 77 -13.48 -6.45 -2.71
CA TYR F 77 -13.19 -5.12 -2.18
C TYR F 77 -12.39 -5.19 -0.89
N ALA F 78 -12.82 -6.07 0.03
CA ALA F 78 -12.13 -6.19 1.31
C ALA F 78 -10.67 -6.55 1.09
N LEU F 79 -10.42 -7.53 0.22
CA LEU F 79 -9.05 -7.91 -0.07
C LEU F 79 -8.29 -6.75 -0.70
N LYS F 80 -8.92 -6.04 -1.63
CA LYS F 80 -8.29 -4.94 -2.33
C LYS F 80 -7.81 -3.87 -1.36
N ARG F 81 -8.66 -3.50 -0.40
CA ARG F 81 -8.30 -2.39 0.49
C ARG F 81 -7.19 -2.77 1.44
N GLN F 82 -6.99 -4.06 1.70
CA GLN F 82 -5.88 -4.56 2.50
C GLN F 82 -4.62 -4.75 1.69
N GLY F 83 -4.61 -4.28 0.44
CA GLY F 83 -3.46 -4.43 -0.43
C GLY F 83 -3.23 -5.84 -0.92
N ARG F 84 -4.29 -6.63 -1.02
CA ARG F 84 -4.24 -8.00 -1.52
C ARG F 84 -5.24 -8.18 -2.65
N THR F 85 -5.16 -7.30 -3.65
CA THR F 85 -6.08 -7.30 -4.79
C THR F 85 -6.18 -8.67 -5.43
N LEU F 86 -7.41 -9.12 -5.67
CA LEU F 86 -7.70 -10.41 -6.27
C LEU F 86 -8.31 -10.21 -7.65
N TYR F 87 -7.73 -10.88 -8.65
CA TYR F 87 -8.25 -10.86 -10.02
C TYR F 87 -9.03 -12.13 -10.27
N GLY F 88 -10.12 -12.03 -11.04
CA GLY F 88 -10.87 -13.19 -11.46
C GLY F 88 -12.29 -13.26 -10.96
N PHE F 89 -12.72 -12.38 -10.08
CA PHE F 89 -14.05 -12.47 -9.50
C PHE F 89 -14.83 -11.18 -9.72
N GLY F 90 -14.65 -10.57 -10.88
CA GLY F 90 -15.37 -9.36 -11.22
C GLY F 90 -14.70 -8.07 -10.86
N GLY F 91 -13.37 -8.03 -10.86
CA GLY F 91 -12.65 -6.83 -10.46
C GLY F 91 -11.52 -7.09 -9.49
N ARG G 6 -32.15 40.16 9.92
CA ARG G 6 -32.05 38.71 10.03
C ARG G 6 -31.50 38.31 11.39
N ALA G 7 -31.37 37.01 11.62
CA ALA G 7 -30.89 36.51 12.89
C ALA G 7 -29.38 36.52 12.92
N LYS G 8 -28.82 36.62 14.12
CA LYS G 8 -27.37 36.60 14.26
C LYS G 8 -26.81 35.30 13.70
N ALA G 9 -25.68 35.41 13.00
CA ALA G 9 -25.08 34.26 12.34
C ALA G 9 -24.59 33.25 13.38
N LYS G 10 -25.10 32.02 13.30
CA LYS G 10 -24.67 30.95 14.19
C LYS G 10 -23.95 29.90 13.35
N THR G 11 -22.69 29.66 13.67
CA THR G 11 -21.89 28.71 12.90
C THR G 11 -22.40 27.29 13.08
N ARG G 12 -22.24 26.49 12.03
CA ARG G 12 -22.64 25.08 12.11
C ARG G 12 -21.79 24.34 13.13
N SER G 13 -20.55 24.78 13.32
CA SER G 13 -19.69 24.17 14.34
C SER G 13 -20.33 24.33 15.71
N SER G 14 -20.81 25.54 16.00
CA SER G 14 -21.43 25.79 17.31
C SER G 14 -22.71 24.98 17.46
N ARG G 15 -23.48 24.79 16.38
CA ARG G 15 -24.70 23.97 16.41
C ARG G 15 -24.37 22.53 16.78
N ALA G 16 -23.19 22.02 16.36
CA ALA G 16 -22.80 20.66 16.64
C ALA G 16 -21.94 20.55 17.89
N GLY G 17 -21.62 21.68 18.54
CA GLY G 17 -20.77 21.65 19.71
C GLY G 17 -19.36 21.18 19.41
N LEU G 18 -18.79 21.62 18.30
CA LEU G 18 -17.48 21.18 17.84
C LEU G 18 -16.54 22.37 17.68
N GLN G 19 -15.25 22.08 17.75
CA GLN G 19 -14.24 23.09 17.50
C GLN G 19 -13.78 23.09 16.05
N PHE G 20 -13.90 21.96 15.36
CA PHE G 20 -13.48 21.87 13.97
C PHE G 20 -14.50 22.58 13.07
N PRO G 21 -14.06 23.11 11.93
CA PRO G 21 -14.87 23.98 11.11
C PRO G 21 -15.81 23.20 10.20
N VAL G 22 -17.07 23.02 10.60
CA VAL G 22 -18.04 22.28 9.80
C VAL G 22 -18.20 22.88 8.40
N GLY G 23 -18.28 24.21 8.27
CA GLY G 23 -18.37 24.85 6.97
C GLY G 23 -17.16 24.59 6.10
N ARG G 24 -15.93 24.63 6.63
CA ARG G 24 -14.72 24.34 5.82
C ARG G 24 -14.60 22.88 5.46
N VAL G 25 -14.88 21.97 6.39
CA VAL G 25 -14.94 20.53 6.09
C VAL G 25 -15.93 20.29 4.96
N HIS G 26 -17.05 20.99 4.95
CA HIS G 26 -18.05 20.85 3.90
C HIS G 26 -17.51 21.37 2.58
N ARG G 27 -16.89 22.56 2.59
CA ARG G 27 -16.35 23.12 1.36
C ARG G 27 -15.30 22.20 0.78
N LEU G 28 -14.41 21.67 1.63
CA LEU G 28 -13.36 20.80 1.14
C LEU G 28 -13.94 19.53 0.54
N LEU G 29 -15.04 19.03 1.11
CA LEU G 29 -15.68 17.86 0.53
C LEU G 29 -16.31 18.18 -0.82
N ARG G 30 -17.00 19.32 -0.92
CA ARG G 30 -17.68 19.65 -2.17
C ARG G 30 -16.70 19.89 -3.31
N LYS G 31 -15.52 20.43 -3.02
CA LYS G 31 -14.56 20.80 -4.05
C LYS G 31 -13.42 19.80 -4.17
N GLY G 32 -13.54 18.63 -3.55
CA GLY G 32 -12.48 17.64 -3.55
C GLY G 32 -12.72 16.51 -4.53
N ASN G 33 -13.72 16.62 -5.40
CA ASN G 33 -14.05 15.60 -6.38
C ASN G 33 -14.26 14.24 -5.75
N TYR G 34 -15.13 14.19 -4.73
CA TYR G 34 -15.47 12.94 -4.07
C TYR G 34 -16.83 12.40 -4.51
N SER G 35 -17.80 13.29 -4.65
CA SER G 35 -19.15 12.98 -5.12
C SER G 35 -19.80 14.20 -5.78
N GLU G 36 -20.82 13.95 -6.59
CA GLU G 36 -21.74 14.95 -7.12
C GLU G 36 -22.53 15.69 -6.02
N ARG G 37 -22.78 15.07 -4.86
CA ARG G 37 -23.67 15.60 -3.79
C ARG G 37 -23.16 15.25 -2.40
N VAL G 38 -23.34 16.11 -1.39
CA VAL G 38 -22.85 15.87 -0.03
C VAL G 38 -23.99 16.09 0.94
N GLY G 39 -24.30 15.08 1.74
CA GLY G 39 -25.36 15.21 2.72
C GLY G 39 -25.03 16.25 3.77
N ALA G 40 -26.08 16.72 4.45
CA ALA G 40 -25.88 17.75 5.46
C ALA G 40 -25.17 17.23 6.69
N GLY G 41 -25.33 15.94 7.02
CA GLY G 41 -24.72 15.39 8.20
C GLY G 41 -23.28 14.95 8.02
N ALA G 42 -22.87 14.69 6.79
CA ALA G 42 -21.52 14.20 6.53
C ALA G 42 -20.44 15.13 7.06
N PRO G 43 -20.41 16.43 6.74
CA PRO G 43 -19.38 17.29 7.31
C PRO G 43 -19.38 17.30 8.83
N VAL G 44 -20.56 17.29 9.46
CA VAL G 44 -20.62 17.27 10.92
C VAL G 44 -19.95 16.02 11.46
N TYR G 45 -20.32 14.86 10.91
CA TYR G 45 -19.74 13.59 11.35
C TYR G 45 -18.24 13.59 11.18
N LEU G 46 -17.76 13.98 10.00
CA LEU G 46 -16.32 13.97 9.72
C LEU G 46 -15.59 14.87 10.69
N ALA G 47 -16.10 16.08 10.89
CA ALA G 47 -15.47 17.03 11.79
C ALA G 47 -15.39 16.45 13.20
N ALA G 48 -16.47 15.82 13.67
CA ALA G 48 -16.47 15.24 15.00
C ALA G 48 -15.41 14.16 15.13
N VAL G 49 -15.30 13.31 14.11
CA VAL G 49 -14.30 12.23 14.15
C VAL G 49 -12.89 12.80 14.19
N LEU G 50 -12.61 13.75 13.29
CA LEU G 50 -11.29 14.40 13.29
C LEU G 50 -10.99 15.01 14.65
N GLU G 51 -11.96 15.73 15.22
CA GLU G 51 -11.76 16.36 16.51
C GLU G 51 -11.42 15.33 17.57
N TYR G 52 -12.16 14.22 17.60
CA TYR G 52 -11.89 13.19 18.59
C TYR G 52 -10.46 12.67 18.46
N LEU G 53 -10.05 12.36 17.23
CA LEU G 53 -8.70 11.82 17.03
C LEU G 53 -7.65 12.82 17.48
N THR G 54 -7.84 14.08 17.12
CA THR G 54 -6.94 15.17 17.47
C THR G 54 -6.85 15.35 18.98
N ALA G 55 -7.98 15.27 19.69
CA ALA G 55 -8.00 15.34 21.15
C ALA G 55 -7.19 14.19 21.75
N GLU G 56 -7.43 12.97 21.26
CA GLU G 56 -6.72 11.81 21.77
C GLU G 56 -5.21 11.99 21.64
N ILE G 57 -4.72 12.29 20.43
CA ILE G 57 -3.27 12.37 20.20
C ILE G 57 -2.65 13.55 20.97
N LEU G 58 -3.32 14.69 21.09
CA LEU G 58 -2.82 15.77 21.93
C LEU G 58 -2.80 15.36 23.40
N GLU G 59 -3.82 14.69 23.93
CA GLU G 59 -3.77 14.27 25.32
C GLU G 59 -2.57 13.37 25.57
N LEU G 60 -2.36 12.38 24.70
CA LEU G 60 -1.24 11.48 24.92
C LEU G 60 0.10 12.20 24.75
N ALA G 61 0.19 13.15 23.83
CA ALA G 61 1.46 13.85 23.64
C ALA G 61 1.74 14.77 24.82
N GLY G 62 0.72 15.46 25.32
CA GLY G 62 0.89 16.30 26.49
C GLY G 62 1.31 15.49 27.70
N ASN G 63 0.73 14.30 27.85
CA ASN G 63 1.14 13.44 28.96
C ASN G 63 2.62 13.07 28.82
N ALA G 64 3.03 12.70 27.60
CA ALA G 64 4.44 12.36 27.39
C ALA G 64 5.35 13.56 27.69
N ALA G 65 4.94 14.76 27.28
CA ALA G 65 5.73 15.96 27.56
C ALA G 65 5.90 16.19 29.06
N ARG G 66 4.81 16.10 29.81
CA ARG G 66 4.88 16.32 31.26
C ARG G 66 5.80 15.30 31.91
N ASP G 67 5.75 14.05 31.44
CA ASP G 67 6.63 13.01 31.99
C ASP G 67 8.09 13.38 31.73
N ASN G 68 8.35 14.15 30.67
CA ASN G 68 9.69 14.60 30.32
C ASN G 68 10.00 15.98 30.89
N LYS G 69 9.21 16.43 31.86
CA LYS G 69 9.37 17.74 32.51
C LYS G 69 9.38 18.89 31.50
N LYS G 70 8.63 18.74 30.41
CA LYS G 70 8.51 19.78 29.41
C LYS G 70 7.08 20.32 29.41
N THR G 71 6.95 21.60 29.04
CA THR G 71 5.65 22.25 28.96
C THR G 71 5.19 22.52 27.55
N ARG G 72 6.01 22.22 26.54
CA ARG G 72 5.66 22.39 25.14
C ARG G 72 5.82 21.07 24.41
N ILE G 73 4.82 20.74 23.59
CA ILE G 73 4.84 19.51 22.79
C ILE G 73 5.78 19.67 21.60
N ILE G 74 6.72 18.73 21.42
CA ILE G 74 7.64 18.71 20.28
C ILE G 74 7.42 17.42 19.49
N PRO G 75 7.95 17.31 18.26
CA PRO G 75 7.79 16.04 17.51
C PRO G 75 8.18 14.78 18.27
N ARG G 76 9.21 14.84 19.11
CA ARG G 76 9.59 13.67 19.90
C ARG G 76 8.41 13.14 20.70
N HIS G 77 7.71 14.04 21.40
CA HIS G 77 6.57 13.63 22.21
C HIS G 77 5.51 12.96 21.35
N LEU G 78 5.27 13.46 20.14
CA LEU G 78 4.30 12.87 19.22
C LEU G 78 4.74 11.47 18.79
N GLN G 79 6.02 11.29 18.48
CA GLN G 79 6.50 9.93 18.17
C GLN G 79 6.22 9.02 19.38
N LEU G 80 6.62 9.45 20.58
CA LEU G 80 6.44 8.63 21.77
C LEU G 80 4.98 8.22 21.92
N ALA G 81 4.08 9.19 21.77
CA ALA G 81 2.65 8.91 21.92
C ALA G 81 2.17 7.89 20.90
N ILE G 82 2.55 8.07 19.63
CA ILE G 82 2.07 7.21 18.55
C ILE G 82 2.62 5.80 18.72
N ARG G 83 3.93 5.63 18.93
CA ARG G 83 4.52 4.29 18.95
C ARG G 83 4.28 3.53 20.24
N ASN G 84 3.86 4.20 21.32
CA ASN G 84 3.56 3.53 22.57
C ASN G 84 2.12 3.08 22.68
N ASP G 85 1.29 3.37 21.67
CA ASP G 85 -0.11 2.95 21.65
C ASP G 85 -0.30 2.01 20.47
N GLU G 86 -0.64 0.74 20.72
CA GLU G 86 -0.70 -0.24 19.64
C GLU G 86 -1.79 0.10 18.62
N GLU G 87 -2.90 0.72 19.03
CA GLU G 87 -3.93 1.07 18.05
C GLU G 87 -3.49 2.24 17.18
N LEU G 88 -2.96 3.29 17.82
CA LEU G 88 -2.49 4.45 17.07
C LEU G 88 -1.31 4.04 16.18
N ASN G 89 -0.44 3.17 16.68
CA ASN G 89 0.68 2.70 15.89
C ASN G 89 0.17 1.98 14.65
N LYS G 90 -0.85 1.14 14.81
CA LYS G 90 -1.41 0.43 13.67
C LYS G 90 -1.98 1.43 12.66
N LEU G 91 -2.76 2.41 13.14
CA LEU G 91 -3.32 3.40 12.24
C LEU G 91 -2.23 4.14 11.48
N LEU G 92 -1.17 4.57 12.16
CA LEU G 92 -0.07 5.31 11.57
C LEU G 92 1.15 4.42 11.31
N GLY G 93 0.93 3.17 10.93
CA GLY G 93 2.03 2.23 10.76
C GLY G 93 3.03 2.68 9.72
N ARG G 94 2.56 3.12 8.55
CA ARG G 94 3.45 3.54 7.45
C ARG G 94 4.00 4.96 7.56
N VAL G 95 3.45 5.79 8.43
CA VAL G 95 3.80 7.21 8.59
C VAL G 95 5.18 7.38 9.22
N THR G 96 5.95 8.33 8.70
CA THR G 96 7.21 8.79 9.26
C THR G 96 7.01 10.17 9.86
N ILE G 97 7.26 10.30 11.16
CA ILE G 97 7.19 11.55 11.92
C ILE G 97 8.54 12.25 11.80
N ALA G 98 8.61 13.41 11.13
CA ALA G 98 9.86 14.16 11.05
C ALA G 98 10.34 14.53 12.45
N GLN G 99 11.66 14.50 12.66
CA GLN G 99 12.30 14.75 13.96
C GLN G 99 11.78 13.87 15.10
N GLY G 100 11.19 12.70 14.81
CA GLY G 100 10.60 11.87 15.84
C GLY G 100 11.52 10.87 16.49
N GLY G 101 12.56 10.46 15.79
CA GLY G 101 13.45 9.46 16.36
C GLY G 101 12.75 8.09 16.40
N VAL G 102 13.27 7.22 17.26
CA VAL G 102 12.76 5.87 17.41
C VAL G 102 12.53 5.57 18.88
N LEU G 103 11.88 4.44 19.14
CA LEU G 103 11.66 3.99 20.52
C LEU G 103 12.91 3.29 21.03
N PRO G 104 13.34 3.58 22.25
CA PRO G 104 14.47 2.83 22.84
C PRO G 104 14.17 1.34 22.95
N ASN G 105 14.86 0.51 22.17
CA ASN G 105 14.62 -0.92 22.18
C ASN G 105 15.93 -1.62 21.89
N ILE G 106 16.42 -2.40 22.86
CA ILE G 106 17.62 -3.20 22.68
C ILE G 106 17.25 -4.67 22.87
N GLN G 107 17.62 -5.49 21.90
CA GLN G 107 17.36 -6.92 21.99
C GLN G 107 18.04 -7.53 23.21
N ALA G 108 17.34 -8.44 23.89
CA ALA G 108 17.86 -9.01 25.12
C ALA G 108 19.16 -9.78 24.86
N VAL G 109 19.30 -10.38 23.67
CA VAL G 109 20.47 -11.18 23.37
C VAL G 109 21.74 -10.35 23.30
N LEU G 110 21.61 -9.03 23.11
CA LEU G 110 22.78 -8.18 22.99
C LEU G 110 23.31 -7.70 24.33
N LEU G 111 22.50 -7.81 25.39
CA LEU G 111 22.89 -7.32 26.69
C LEU G 111 24.07 -8.15 27.22
N PRO G 112 24.99 -7.53 27.98
CA PRO G 112 26.20 -8.19 28.49
C PRO G 112 25.94 -9.52 29.18
N SER H 12 -0.92 36.05 0.41
CA SER H 12 -1.52 34.77 0.03
C SER H 12 -1.84 33.93 1.25
N ARG H 13 -3.11 33.67 1.47
CA ARG H 13 -3.57 32.91 2.62
C ARG H 13 -3.50 31.41 2.35
N LYS H 14 -2.90 30.67 3.28
CA LYS H 14 -2.82 29.21 3.21
C LYS H 14 -3.60 28.69 4.39
N GLU H 15 -4.77 28.12 4.12
CA GLU H 15 -5.64 27.66 5.18
C GLU H 15 -5.02 26.48 5.93
N SER H 16 -5.23 26.45 7.24
CA SER H 16 -4.68 25.42 8.11
C SER H 16 -5.65 25.11 9.23
N TYR H 17 -5.46 23.97 9.87
CA TYR H 17 -6.25 23.58 11.04
C TYR H 17 -5.61 24.01 12.35
N SER H 18 -4.64 24.93 12.31
CA SER H 18 -3.85 25.31 13.48
C SER H 18 -4.70 25.86 14.61
N ILE H 19 -5.66 26.74 14.30
CA ILE H 19 -6.52 27.36 15.30
C ILE H 19 -7.33 26.31 16.05
N TYR H 20 -7.93 25.37 15.30
CA TYR H 20 -8.81 24.40 15.93
C TYR H 20 -8.03 23.40 16.79
N VAL H 21 -6.82 23.03 16.35
CA VAL H 21 -5.91 22.20 17.14
C VAL H 21 -5.52 22.92 18.41
N TYR H 22 -5.21 24.20 18.34
CA TYR H 22 -4.92 24.98 19.53
C TYR H 22 -6.12 25.04 20.47
N LYS H 23 -7.34 25.21 19.96
CA LYS H 23 -8.56 25.20 20.76
C LYS H 23 -8.77 23.90 21.51
N VAL H 24 -8.67 22.74 20.85
CA VAL H 24 -8.87 21.46 21.54
C VAL H 24 -7.76 21.25 22.56
N LEU H 25 -6.53 21.68 22.25
CA LEU H 25 -5.40 21.63 23.16
C LEU H 25 -5.69 22.46 24.42
N LYS H 26 -6.21 23.68 24.31
CA LYS H 26 -6.64 24.45 25.47
C LYS H 26 -7.76 23.75 26.26
N GLN H 27 -8.63 22.97 25.62
CA GLN H 27 -9.63 22.19 26.35
C GLN H 27 -8.99 21.06 27.16
N VAL H 28 -8.04 20.32 26.60
CA VAL H 28 -7.53 19.11 27.25
C VAL H 28 -6.32 19.40 28.13
N HIS H 29 -5.55 20.44 27.81
CA HIS H 29 -4.35 20.79 28.58
C HIS H 29 -4.24 22.31 28.60
N PRO H 30 -4.96 22.97 29.51
CA PRO H 30 -4.99 24.44 29.51
C PRO H 30 -3.63 25.11 29.62
N ASP H 31 -2.66 24.48 30.28
CA ASP H 31 -1.36 25.11 30.52
C ASP H 31 -0.26 24.60 29.60
N THR H 32 -0.60 23.84 28.56
CA THR H 32 0.37 23.23 27.67
C THR H 32 0.31 23.90 26.31
N GLY H 33 1.48 24.30 25.78
CA GLY H 33 1.57 24.89 24.47
C GLY H 33 2.01 23.88 23.42
N ILE H 34 2.40 24.38 22.25
CA ILE H 34 2.74 23.55 21.10
C ILE H 34 3.72 24.27 20.18
N SER H 35 4.78 23.58 19.77
CA SER H 35 5.77 24.14 18.86
C SER H 35 5.23 24.23 17.43
N SER H 36 5.88 25.07 16.62
CA SER H 36 5.49 25.21 15.23
C SER H 36 5.65 23.90 14.46
N LYS H 37 6.73 23.17 14.73
CA LYS H 37 6.95 21.89 14.07
C LYS H 37 5.80 20.93 14.37
N ALA H 38 5.41 20.85 15.65
CA ALA H 38 4.30 19.98 16.00
C ALA H 38 3.03 20.43 15.31
N MET H 39 2.86 21.74 15.14
CA MET H 39 1.71 22.29 14.45
C MET H 39 1.70 21.86 12.98
N GLY H 40 2.84 21.83 12.30
CA GLY H 40 2.91 21.30 10.95
C GLY H 40 2.58 19.82 10.90
N ILE H 41 3.10 19.07 11.87
CA ILE H 41 2.81 17.63 11.95
C ILE H 41 1.32 17.41 12.10
N MET H 42 0.69 18.14 13.01
CA MET H 42 -0.75 17.98 13.25
C MET H 42 -1.54 18.30 11.99
N ASN H 43 -1.19 19.37 11.29
CA ASN H 43 -1.87 19.72 10.04
C ASN H 43 -1.76 18.58 9.04
N SER H 44 -0.56 18.03 8.85
CA SER H 44 -0.39 16.90 7.96
C SER H 44 -1.24 15.72 8.39
N PHE H 45 -1.27 15.43 9.69
CA PHE H 45 -2.06 14.31 10.21
C PHE H 45 -3.54 14.48 9.87
N VAL H 46 -4.09 15.64 10.20
CA VAL H 46 -5.51 15.90 9.95
C VAL H 46 -5.81 15.74 8.46
N ASN H 47 -5.00 16.35 7.60
CA ASN H 47 -5.20 16.26 6.16
C ASN H 47 -5.17 14.81 5.68
N ASP H 48 -4.24 14.02 6.20
CA ASP H 48 -4.14 12.62 5.82
C ASP H 48 -5.42 11.87 6.19
N ILE H 49 -5.84 11.99 7.46
CA ILE H 49 -7.01 11.26 7.90
C ILE H 49 -8.23 11.67 7.09
N PHE H 50 -8.38 12.98 6.86
CA PHE H 50 -9.44 13.48 6.00
C PHE H 50 -9.45 12.75 4.66
N GLU H 51 -8.30 12.71 3.97
CA GLU H 51 -8.19 12.10 2.65
C GLU H 51 -8.56 10.62 2.71
N ARG H 52 -8.10 9.88 3.72
CA ARG H 52 -8.44 8.47 3.84
C ARG H 52 -9.95 8.26 4.00
N ILE H 53 -10.55 8.97 4.96
CA ILE H 53 -11.97 8.78 5.24
C ILE H 53 -12.82 9.16 4.03
N ALA H 54 -12.56 10.36 3.49
CA ALA H 54 -13.35 10.84 2.36
C ALA H 54 -13.24 9.89 1.16
N GLY H 55 -12.03 9.40 0.90
CA GLY H 55 -11.84 8.50 -0.22
C GLY H 55 -12.59 7.20 -0.03
N GLU H 56 -12.57 6.67 1.19
CA GLU H 56 -13.33 5.44 1.45
C GLU H 56 -14.81 5.70 1.26
N ALA H 57 -15.32 6.83 1.77
CA ALA H 57 -16.73 7.15 1.59
C ALA H 57 -17.08 7.26 0.11
N SER H 58 -16.19 7.86 -0.68
CA SER H 58 -16.42 7.98 -2.12
C SER H 58 -16.54 6.61 -2.76
N ARG H 59 -15.59 5.72 -2.45
CA ARG H 59 -15.65 4.38 -2.99
C ARG H 59 -16.95 3.70 -2.59
N LEU H 60 -17.34 3.78 -1.31
CA LEU H 60 -18.58 3.16 -0.81
C LEU H 60 -19.79 3.69 -1.56
N ALA H 61 -19.85 4.99 -1.82
CA ALA H 61 -20.95 5.55 -2.60
C ALA H 61 -20.98 4.96 -4.00
N HIS H 62 -19.82 4.93 -4.67
CA HIS H 62 -19.77 4.43 -6.04
C HIS H 62 -20.18 2.96 -6.11
N TYR H 63 -19.69 2.14 -5.18
CA TYR H 63 -20.02 0.72 -5.17
C TYR H 63 -21.51 0.46 -5.08
N ASN H 64 -22.23 1.28 -4.33
CA ASN H 64 -23.65 1.08 -4.10
C ASN H 64 -24.52 1.89 -5.06
N LYS H 65 -23.92 2.40 -6.14
CA LYS H 65 -24.64 3.17 -7.16
C LYS H 65 -25.39 4.34 -6.52
N ARG H 66 -24.71 5.03 -5.61
CA ARG H 66 -25.25 6.21 -4.96
C ARG H 66 -24.39 7.42 -5.32
N SER H 67 -25.00 8.58 -5.42
CA SER H 67 -24.31 9.85 -5.49
C SER H 67 -23.99 10.36 -4.09
N THR H 68 -24.97 10.62 -3.22
CA THR H 68 -24.75 11.37 -1.97
C THR H 68 -23.83 10.65 -0.99
N ILE H 69 -22.81 11.32 -0.46
CA ILE H 69 -22.10 10.86 0.72
C ILE H 69 -22.86 11.36 1.95
N THR H 70 -23.47 10.44 2.67
CA THR H 70 -24.26 10.76 3.86
C THR H 70 -23.48 10.35 5.11
N SER H 71 -24.08 10.59 6.27
CA SER H 71 -23.44 10.20 7.52
C SER H 71 -23.20 8.71 7.60
N ARG H 72 -24.04 7.90 6.94
CA ARG H 72 -23.83 6.46 6.95
C ARG H 72 -22.52 6.07 6.28
N GLU H 73 -22.22 6.65 5.12
CA GLU H 73 -20.97 6.39 4.41
C GLU H 73 -19.79 6.77 5.28
N ILE H 74 -19.85 7.92 5.95
CA ILE H 74 -18.76 8.34 6.82
C ILE H 74 -18.58 7.34 7.95
N GLN H 75 -19.68 6.95 8.59
CA GLN H 75 -19.61 6.01 9.70
C GLN H 75 -18.95 4.71 9.27
N THR H 76 -19.40 4.16 8.14
CA THR H 76 -18.83 2.91 7.65
C THR H 76 -17.35 3.06 7.34
N ALA H 77 -16.97 4.16 6.69
CA ALA H 77 -15.56 4.42 6.42
C ALA H 77 -14.75 4.44 7.71
N VAL H 78 -15.27 5.11 8.73
CA VAL H 78 -14.58 5.18 10.02
C VAL H 78 -14.39 3.77 10.56
N ARG H 79 -15.44 2.95 10.50
CA ARG H 79 -15.34 1.58 10.99
C ARG H 79 -14.29 0.80 10.22
N LEU H 80 -14.17 1.05 8.92
CA LEU H 80 -13.21 0.32 8.10
C LEU H 80 -11.78 0.76 8.36
N LEU H 81 -11.57 2.04 8.67
CA LEU H 81 -10.22 2.55 8.80
C LEU H 81 -9.71 2.50 10.23
N LEU H 82 -10.49 2.97 11.19
CA LEU H 82 -9.98 3.05 12.55
C LEU H 82 -9.94 1.67 13.18
N PRO H 83 -8.82 1.26 13.77
CA PRO H 83 -8.73 -0.09 14.36
C PRO H 83 -9.30 -0.18 15.77
N GLY H 84 -10.01 -1.26 16.03
CA GLY H 84 -10.50 -1.57 17.37
C GLY H 84 -11.31 -0.49 18.05
N GLU H 85 -10.90 -0.16 19.28
CA GLU H 85 -11.66 0.76 20.12
C GLU H 85 -11.69 2.17 19.56
N LEU H 86 -10.74 2.57 18.70
CA LEU H 86 -10.80 3.90 18.09
C LEU H 86 -12.08 4.05 17.29
N ALA H 87 -12.54 3.01 16.60
CA ALA H 87 -13.79 3.11 15.86
C ALA H 87 -14.97 3.32 16.80
N LYS H 88 -15.08 2.53 17.86
CA LYS H 88 -16.21 2.64 18.78
C LYS H 88 -16.41 4.07 19.26
N HIS H 89 -15.33 4.70 19.78
CA HIS H 89 -15.47 6.03 20.35
C HIS H 89 -15.68 7.08 19.26
N ALA H 90 -14.98 6.94 18.13
CA ALA H 90 -15.18 7.90 17.05
C ALA H 90 -16.62 7.88 16.58
N VAL H 91 -17.20 6.68 16.44
CA VAL H 91 -18.58 6.54 16.03
C VAL H 91 -19.51 7.19 17.06
N SER H 92 -19.25 6.91 18.35
CA SER H 92 -20.04 7.55 19.40
C SER H 92 -20.02 9.07 19.27
N GLU H 93 -18.82 9.65 19.13
CA GLU H 93 -18.69 11.10 19.02
C GLU H 93 -19.47 11.62 17.80
N GLY H 94 -19.26 11.00 16.64
CA GLY H 94 -19.96 11.44 15.45
C GLY H 94 -21.46 11.39 15.60
N THR H 95 -21.97 10.29 16.17
CA THR H 95 -23.41 10.15 16.33
C THR H 95 -23.94 11.22 17.26
N LYS H 96 -23.27 11.44 18.39
CA LYS H 96 -23.71 12.48 19.32
C LYS H 96 -23.76 13.84 18.63
N ALA H 97 -22.71 14.17 17.89
CA ALA H 97 -22.65 15.48 17.25
C ALA H 97 -23.78 15.63 16.24
N VAL H 98 -23.98 14.62 15.39
CA VAL H 98 -25.04 14.69 14.39
C VAL H 98 -26.40 14.81 15.06
N THR H 99 -26.65 14.01 16.09
CA THR H 99 -27.93 14.06 16.79
C THR H 99 -28.19 15.45 17.36
N LYS H 100 -27.19 16.02 18.05
CA LYS H 100 -27.29 17.35 18.64
C LYS H 100 -27.55 18.41 17.57
N TYR H 101 -26.90 18.27 16.43
CA TYR H 101 -27.01 19.21 15.31
C TYR H 101 -28.37 19.17 14.63
N THR H 102 -28.92 17.98 14.40
CA THR H 102 -30.18 17.92 13.68
C THR H 102 -31.30 18.56 14.47
N SER H 103 -31.17 18.60 15.79
CA SER H 103 -32.13 19.26 16.67
C SER H 103 -31.74 20.70 16.98
N ALA H 104 -30.74 21.23 16.28
CA ALA H 104 -30.27 22.60 16.45
C ALA H 104 -30.04 22.96 17.91
#